data_3M7V
#
_entry.id   3M7V
#
_cell.length_a   69.788
_cell.length_b   63.687
_cell.length_c   104.765
_cell.angle_alpha   90.00
_cell.angle_beta   98.85
_cell.angle_gamma   90.00
#
_symmetry.space_group_name_H-M   'P 1 21 1'
#
loop_
_entity.id
_entity.type
_entity.pdbx_description
1 polymer Phosphopentomutase
2 non-polymer 'MANGANESE (II) ION'
3 non-polymer GLYCEROL
4 water water
#
_entity_poly.entity_id   1
_entity_poly.type   'polypeptide(L)'
_entity_poly.pdbx_seq_one_letter_code
;MSLSTFNRIHLVVLDSVGIGAAPDANNFSNAGVPDGASDTLGHISKTVGLNVPNMAKIGLGNIPRDTPLKTVPAENHPTG
YVTKLEEVSLGKDTMTGHWEIMGLNITEPFDTFWNGFPEEIISKIEKFSGRKVIREANKPYSGTAVIDDFGPRQMETGEL
IIYTSADPVLQIAAHEDVIPLDELYRICEYARSITLERPALLGRIIARPYVGKPRNFTRTANRHDYALSPFAPTVLNKLA
DAGVSTYAVGKINDIFNGSGITNDMGHNKSNSHGVDTLIKTMGLSAFTKGFSFTNLVDFDALYGHRRNAHGYRDCLHEFD
ERLPEIIAAMKVDDLLLITADHGNDPTYAGTDHTREYVPLLAYSPSFTGNGVLPVGHYADISATIADNFGVDTAMIGESF
LDKLIEGHHHHHH
;
_entity_poly.pdbx_strand_id   A,B
#
loop_
_chem_comp.id
_chem_comp.type
_chem_comp.name
_chem_comp.formula
GOL non-polymer GLYCEROL 'C3 H8 O3'
MN non-polymer 'MANGANESE (II) ION' 'Mn 2'
#
# COMPACT_ATOMS: atom_id res chain seq x y z
N THR A 5 -7.03 26.58 10.75
CA THR A 5 -6.30 27.60 11.57
C THR A 5 -5.29 28.38 10.74
N PHE A 6 -4.34 27.71 10.06
CA PHE A 6 -3.57 28.42 9.02
C PHE A 6 -4.35 28.33 7.73
N ASN A 7 -4.50 29.46 7.06
CA ASN A 7 -5.28 29.44 5.85
C ASN A 7 -4.51 28.78 4.68
N ARG A 8 -3.19 28.96 4.66
CA ARG A 8 -2.34 28.24 3.74
C ARG A 8 -1.11 27.66 4.46
N ILE A 9 -0.63 26.53 3.94
CA ILE A 9 0.58 25.93 4.42
C ILE A 9 1.48 25.67 3.23
N HIS A 10 2.72 26.15 3.34
CA HIS A 10 3.76 26.03 2.30
C HIS A 10 4.86 25.16 2.87
N LEU A 11 5.01 23.97 2.29
CA LEU A 11 6.04 23.01 2.72
C LEU A 11 7.16 23.00 1.70
N VAL A 12 8.37 23.27 2.18
CA VAL A 12 9.56 23.26 1.31
C VAL A 12 10.50 22.14 1.75
N VAL A 13 10.84 21.26 0.80
CA VAL A 13 11.80 20.21 1.02
C VAL A 13 13.12 20.60 0.39
N LEU A 14 14.15 20.74 1.22
CA LEU A 14 15.51 20.96 0.79
C LEU A 14 16.02 19.52 0.65
N ASP A 15 16.05 19.03 -0.57
CA ASP A 15 16.28 17.61 -0.78
C ASP A 15 17.66 17.19 -0.27
N SER A 16 17.65 16.25 0.66
CA SER A 16 18.88 15.61 1.20
C SER A 16 19.55 16.34 2.35
N VAL A 17 18.93 17.41 2.84
CA VAL A 17 19.59 18.20 3.87
C VAL A 17 19.40 17.58 5.26
N GLY A 18 20.27 16.63 5.56
CA GLY A 18 20.20 15.85 6.78
C GLY A 18 20.84 16.55 7.96
N ILE A 19 20.45 16.12 9.16
CA ILE A 19 21.01 16.73 10.38
C ILE A 19 21.53 15.67 11.34
N GLY A 20 21.98 14.53 10.78
CA GLY A 20 22.77 13.58 11.55
C GLY A 20 22.19 12.18 11.47
N ALA A 21 23.06 11.19 11.52
CA ALA A 21 22.69 9.78 11.37
C ALA A 21 21.52 9.38 12.24
N ALA A 22 20.56 8.65 11.66
CA ALA A 22 19.39 8.19 12.41
C ALA A 22 19.76 6.99 13.28
N PRO A 23 18.89 6.68 14.27
CA PRO A 23 19.15 5.52 15.11
C PRO A 23 19.33 4.24 14.30
N ASP A 24 18.62 4.08 13.19
CA ASP A 24 18.73 2.85 12.41
C ASP A 24 19.69 3.01 11.22
N ALA A 25 20.60 3.99 11.32
CA ALA A 25 21.45 4.31 10.21
C ALA A 25 22.31 3.16 9.74
N ASN A 26 22.84 2.35 10.66
CA ASN A 26 23.68 1.22 10.26
C ASN A 26 23.01 0.06 9.54
N ASN A 27 21.68 0.11 9.42
CA ASN A 27 20.93 -0.76 8.53
C ASN A 27 21.00 -0.31 7.08
N PHE A 28 21.64 0.84 6.86
CA PHE A 28 21.82 1.40 5.52
C PHE A 28 23.30 1.62 5.23
N SER A 29 23.68 1.64 3.95
CA SER A 29 25.07 1.73 3.62
C SER A 29 25.41 2.55 2.36
N ASN A 30 26.72 2.80 2.20
CA ASN A 30 27.28 3.58 1.11
C ASN A 30 28.56 2.89 0.68
N ALA A 31 28.53 2.27 -0.50
CA ALA A 31 29.66 1.50 -1.00
C ALA A 31 30.21 0.55 0.08
N GLY A 32 29.30 -0.14 0.76
CA GLY A 32 29.65 -1.11 1.77
C GLY A 32 29.77 -0.52 3.18
N VAL A 33 29.78 0.80 3.33
CA VAL A 33 30.06 1.43 4.61
C VAL A 33 28.70 1.78 5.24
N PRO A 34 28.41 1.28 6.44
CA PRO A 34 27.14 1.68 7.06
C PRO A 34 27.03 3.19 7.30
N ASP A 35 25.80 3.69 7.31
CA ASP A 35 25.52 5.13 7.35
C ASP A 35 25.65 5.78 8.73
N GLY A 36 26.02 5.05 9.77
CA GLY A 36 25.94 5.58 11.13
C GLY A 36 26.88 6.70 11.52
N ALA A 37 27.87 7.01 10.67
CA ALA A 37 28.73 8.19 10.92
C ALA A 37 28.28 9.42 10.13
N SER A 38 27.25 9.30 9.29
CA SER A 38 26.82 10.42 8.48
C SER A 38 26.20 11.59 9.27
N ASP A 39 26.28 12.77 8.66
CA ASP A 39 25.84 14.03 9.27
C ASP A 39 26.00 15.12 8.21
N THR A 40 24.98 15.30 7.38
CA THR A 40 25.08 16.19 6.23
C THR A 40 25.38 17.65 6.67
N LEU A 41 24.50 18.26 7.44
CA LEU A 41 24.73 19.65 7.92
C LEU A 41 25.98 19.80 8.80
N GLY A 42 26.20 18.88 9.73
CA GLY A 42 27.33 18.97 10.64
C GLY A 42 28.69 18.79 9.98
N HIS A 43 28.79 17.89 8.99
CA HIS A 43 30.06 17.64 8.33
C HIS A 43 30.38 18.75 7.34
N ILE A 44 29.36 19.30 6.71
CA ILE A 44 29.54 20.52 5.89
C ILE A 44 30.07 21.63 6.79
N SER A 45 29.35 21.92 7.87
CA SER A 45 29.73 23.00 8.76
C SER A 45 31.17 22.92 9.25
N LYS A 46 31.62 21.71 9.59
CA LYS A 46 32.93 21.48 10.18
CA LYS A 46 32.94 21.59 10.19
C LYS A 46 34.09 21.49 9.16
N THR A 47 33.77 21.30 7.88
CA THR A 47 34.80 21.22 6.83
C THR A 47 34.95 22.49 5.99
N VAL A 48 33.84 23.00 5.49
CA VAL A 48 33.85 24.11 4.57
C VAL A 48 33.16 25.35 5.18
N GLY A 49 32.58 25.21 6.35
CA GLY A 49 31.78 26.24 6.94
C GLY A 49 30.35 26.25 6.43
N LEU A 50 29.54 27.06 7.11
CA LEU A 50 28.11 27.18 6.83
C LEU A 50 27.52 28.42 7.52
N ASN A 51 27.18 29.39 6.69
CA ASN A 51 26.60 30.64 7.14
C ASN A 51 25.15 30.72 6.70
N VAL A 52 24.23 30.45 7.61
CA VAL A 52 22.79 30.41 7.27
C VAL A 52 21.99 31.19 8.32
N PRO A 53 22.22 32.52 8.39
CA PRO A 53 21.67 33.29 9.48
C PRO A 53 20.16 33.34 9.48
N ASN A 54 19.50 33.21 8.34
CA ASN A 54 18.03 33.31 8.34
C ASN A 54 17.33 32.07 8.90
N MET A 55 17.88 30.90 8.56
CA MET A 55 17.42 29.67 9.16
C MET A 55 17.83 29.60 10.62
N ALA A 56 18.99 30.19 10.95
CA ALA A 56 19.45 30.18 12.35
C ALA A 56 18.49 30.97 13.21
N LYS A 57 18.01 32.09 12.68
CA LYS A 57 17.08 32.97 13.40
C LYS A 57 15.76 32.28 13.67
N ILE A 58 15.28 31.50 12.69
CA ILE A 58 14.07 30.67 12.89
C ILE A 58 14.35 29.64 13.96
N GLY A 59 15.54 29.06 13.90
CA GLY A 59 16.08 28.22 14.99
C GLY A 59 16.90 26.99 14.60
N LEU A 60 17.51 26.97 13.41
CA LEU A 60 18.20 25.75 12.94
C LEU A 60 19.22 25.24 13.95
N GLY A 61 19.97 26.17 14.54
CA GLY A 61 20.93 25.83 15.59
C GLY A 61 20.39 25.51 16.98
N ASN A 62 19.07 25.53 17.16
CA ASN A 62 18.39 25.05 18.36
C ASN A 62 17.89 23.60 18.22
N ILE A 63 17.93 23.03 17.03
CA ILE A 63 17.53 21.62 16.87
C ILE A 63 18.48 20.72 17.71
N PRO A 64 17.94 19.83 18.58
CA PRO A 64 18.78 18.99 19.42
C PRO A 64 19.70 18.09 18.67
N ARG A 65 20.96 18.10 19.09
CA ARG A 65 21.99 17.26 18.50
C ARG A 65 22.94 16.90 19.64
N ASP A 66 23.64 15.78 19.51
CA ASP A 66 24.68 15.43 20.50
C ASP A 66 25.83 16.47 20.49
N THR A 67 26.24 16.90 19.31
CA THR A 67 27.25 17.96 19.21
C THR A 67 26.73 19.04 18.26
N PRO A 68 26.86 20.31 18.64
CA PRO A 68 26.24 21.38 17.88
C PRO A 68 26.92 21.58 16.51
N LEU A 69 26.13 22.08 15.57
CA LEU A 69 26.60 22.55 14.31
C LEU A 69 27.70 23.60 14.56
N LYS A 70 28.87 23.40 13.96
CA LYS A 70 30.02 24.19 14.36
C LYS A 70 29.80 25.69 14.15
N THR A 71 29.12 26.04 13.05
CA THR A 71 29.03 27.41 12.61
C THR A 71 27.57 27.92 12.55
N VAL A 72 26.66 27.22 13.24
CA VAL A 72 25.26 27.64 13.32
C VAL A 72 24.88 27.72 14.81
N PRO A 73 25.17 28.89 15.45
CA PRO A 73 24.91 29.08 16.86
C PRO A 73 23.42 28.94 17.20
N ALA A 74 23.17 28.56 18.44
CA ALA A 74 21.84 28.60 19.04
C ALA A 74 21.33 30.04 19.00
N GLU A 75 20.01 30.18 18.92
CA GLU A 75 19.34 31.47 18.90
C GLU A 75 18.42 31.58 20.11
N ASN A 76 18.77 32.44 21.07
CA ASN A 76 17.98 32.62 22.30
C ASN A 76 16.63 33.35 22.10
N HIS A 77 16.48 34.06 20.98
CA HIS A 77 15.18 34.70 20.65
C HIS A 77 14.73 34.27 19.26
N PRO A 78 14.39 32.97 19.11
CA PRO A 78 14.08 32.47 17.78
C PRO A 78 12.73 32.97 17.33
N THR A 79 12.51 32.94 16.01
CA THR A 79 11.25 33.42 15.44
C THR A 79 10.28 32.29 15.12
N GLY A 80 10.77 31.05 15.15
CA GLY A 80 9.90 29.90 14.85
C GLY A 80 10.04 28.73 15.81
N TYR A 81 9.46 27.60 15.40
CA TYR A 81 9.54 26.34 16.15
C TYR A 81 10.34 25.38 15.28
N VAL A 82 11.25 24.66 15.90
CA VAL A 82 12.10 23.72 15.21
C VAL A 82 12.18 22.41 15.95
N THR A 83 12.53 21.36 15.21
CA THR A 83 12.93 20.09 15.78
C THR A 83 13.57 19.23 14.68
N LYS A 84 13.79 17.95 14.95
CA LYS A 84 14.18 17.03 13.89
C LYS A 84 13.20 15.85 13.87
N LEU A 85 13.12 15.22 12.71
CA LEU A 85 12.15 14.17 12.42
C LEU A 85 12.90 12.93 11.93
N GLU A 86 12.38 11.78 12.33
CA GLU A 86 12.99 10.47 12.11
C GLU A 86 12.14 9.71 11.11
N GLU A 87 12.82 9.09 10.15
CA GLU A 87 12.19 8.28 9.11
C GLU A 87 11.83 6.88 9.67
N VAL A 88 10.60 6.45 9.39
CA VAL A 88 10.04 5.14 9.79
C VAL A 88 10.15 4.12 8.67
N SER A 89 9.91 4.55 7.44
CA SER A 89 9.97 3.68 6.29
C SER A 89 11.35 3.05 6.16
N LEU A 90 11.38 1.90 5.50
CA LEU A 90 12.58 1.07 5.37
C LEU A 90 13.45 1.45 4.16
N GLY A 91 13.23 2.63 3.57
CA GLY A 91 14.05 3.11 2.49
C GLY A 91 14.56 4.52 2.76
N LYS A 92 15.66 4.88 2.09
CA LYS A 92 16.25 6.22 2.19
C LYS A 92 16.29 6.95 0.81
N ASP A 93 15.48 6.48 -0.14
CA ASP A 93 15.31 7.08 -1.45
C ASP A 93 14.34 8.27 -1.41
N THR A 94 14.35 9.04 -2.50
CA THR A 94 13.51 10.23 -2.65
C THR A 94 11.99 9.96 -2.57
N MET A 95 11.54 8.92 -3.26
CA MET A 95 10.12 8.59 -3.29
C MET A 95 9.62 8.18 -1.92
N THR A 96 10.31 7.26 -1.28
CA THR A 96 9.96 6.83 0.07
C THR A 96 9.86 8.02 1.03
N GLY A 97 10.87 8.89 1.02
CA GLY A 97 10.90 9.99 1.97
C GLY A 97 9.72 10.96 1.79
N HIS A 98 9.39 11.28 0.53
CA HIS A 98 8.31 12.23 0.24
C HIS A 98 6.97 11.57 0.58
N TRP A 99 6.81 10.31 0.18
CA TRP A 99 5.58 9.57 0.47
C TRP A 99 5.30 9.51 1.97
N GLU A 100 6.34 9.32 2.76
CA GLU A 100 6.25 9.31 4.20
C GLU A 100 5.97 10.69 4.77
N ILE A 101 6.60 11.71 4.21
CA ILE A 101 6.32 13.07 4.62
C ILE A 101 4.81 13.36 4.46
N MET A 102 4.18 12.74 3.45
CA MET A 102 2.75 12.87 3.21
C MET A 102 1.90 11.72 3.82
N GLY A 103 2.51 10.91 4.66
CA GLY A 103 1.75 10.02 5.52
C GLY A 103 1.77 8.53 5.26
N LEU A 104 2.57 8.06 4.30
CA LEU A 104 2.70 6.60 4.11
C LEU A 104 3.88 5.95 4.86
N ASN A 105 3.71 4.68 5.22
CA ASN A 105 4.75 3.83 5.79
C ASN A 105 5.12 2.84 4.70
N ILE A 106 6.33 3.02 4.17
CA ILE A 106 6.81 2.19 3.08
C ILE A 106 7.66 1.10 3.70
N THR A 107 7.16 -0.13 3.63
CA THR A 107 7.89 -1.29 4.13
C THR A 107 8.45 -2.14 2.99
N GLU A 108 8.18 -1.77 1.74
CA GLU A 108 8.74 -2.46 0.59
C GLU A 108 9.53 -1.41 -0.14
N PRO A 109 10.78 -1.17 0.33
CA PRO A 109 11.51 -0.06 -0.22
C PRO A 109 11.95 -0.34 -1.66
N PHE A 110 11.91 0.70 -2.48
CA PHE A 110 12.32 0.64 -3.88
C PHE A 110 13.76 0.20 -3.94
N ASP A 111 14.08 -0.69 -4.88
CA ASP A 111 15.48 -1.11 -5.08
C ASP A 111 16.23 -0.11 -5.94
N THR A 112 17.49 0.15 -5.57
CA THR A 112 18.44 0.90 -6.40
C THR A 112 19.55 -0.03 -6.80
N PHE A 113 20.23 0.33 -7.89
CA PHE A 113 21.05 -0.61 -8.58
C PHE A 113 22.38 0.05 -9.00
N TRP A 114 23.24 0.32 -8.00
CA TRP A 114 24.53 0.95 -8.25
C TRP A 114 25.42 0.14 -9.23
N ASN A 115 25.32 -1.18 -9.20
CA ASN A 115 26.06 -2.07 -10.13
C ASN A 115 25.18 -2.61 -11.27
N GLY A 116 24.10 -1.89 -11.59
CA GLY A 116 23.22 -2.19 -12.72
C GLY A 116 22.10 -3.14 -12.33
N PHE A 117 21.22 -3.44 -13.28
CA PHE A 117 20.17 -4.42 -13.05
C PHE A 117 20.71 -5.84 -13.05
N PRO A 118 20.14 -6.71 -12.21
CA PRO A 118 20.61 -8.09 -12.17
C PRO A 118 20.21 -8.90 -13.39
N GLU A 119 20.89 -10.04 -13.57
CA GLU A 119 20.68 -10.94 -14.69
C GLU A 119 19.25 -11.38 -14.91
N GLU A 120 18.48 -11.57 -13.83
CA GLU A 120 17.09 -12.01 -13.96
C GLU A 120 16.30 -10.96 -14.75
N ILE A 121 16.53 -9.69 -14.47
CA ILE A 121 15.80 -8.61 -15.15
C ILE A 121 16.26 -8.43 -16.61
N ILE A 122 17.57 -8.32 -16.80
CA ILE A 122 18.14 -8.15 -18.14
C ILE A 122 17.80 -9.35 -19.02
N SER A 123 18.06 -10.56 -18.53
CA SER A 123 17.78 -11.81 -19.28
C SER A 123 16.34 -11.86 -19.74
N LYS A 124 15.41 -11.47 -18.88
CA LYS A 124 13.98 -11.42 -19.20
C LYS A 124 13.64 -10.40 -20.32
N ILE A 125 14.21 -9.21 -20.26
CA ILE A 125 13.94 -8.17 -21.25
C ILE A 125 14.53 -8.56 -22.62
N GLU A 126 15.70 -9.21 -22.57
CA GLU A 126 16.32 -9.74 -23.77
C GLU A 126 15.44 -10.80 -24.44
N LYS A 127 14.91 -11.73 -23.64
CA LYS A 127 14.07 -12.81 -24.18
C LYS A 127 12.75 -12.26 -24.69
N PHE A 128 12.13 -11.35 -23.93
CA PHE A 128 10.89 -10.74 -24.39
C PHE A 128 11.05 -9.95 -25.70
N SER A 129 12.12 -9.13 -25.77
CA SER A 129 12.36 -8.22 -26.89
C SER A 129 13.01 -8.86 -28.11
N GLY A 130 13.77 -9.94 -27.91
CA GLY A 130 14.57 -10.54 -28.95
C GLY A 130 15.80 -9.72 -29.26
N ARG A 131 16.14 -8.78 -28.38
CA ARG A 131 17.27 -7.88 -28.56
C ARG A 131 18.23 -8.03 -27.39
N LYS A 132 19.52 -8.00 -27.66
CA LYS A 132 20.51 -8.02 -26.59
C LYS A 132 20.65 -6.67 -25.96
N VAL A 133 20.96 -6.67 -24.66
CA VAL A 133 21.24 -5.46 -23.92
C VAL A 133 22.75 -5.26 -23.84
N ILE A 134 23.18 -4.02 -24.04
CA ILE A 134 24.59 -3.66 -23.96
C ILE A 134 25.01 -3.62 -22.48
N ARG A 135 25.69 -4.69 -22.02
CA ARG A 135 26.07 -4.87 -20.61
C ARG A 135 26.93 -3.76 -20.00
N GLU A 136 27.80 -3.17 -20.80
CA GLU A 136 28.68 -2.07 -20.36
C GLU A 136 27.91 -0.78 -20.06
N ALA A 137 26.69 -0.66 -20.59
CA ALA A 137 25.85 0.51 -20.33
C ALA A 137 24.88 0.29 -19.16
N ASN A 138 24.81 -0.93 -18.66
CA ASN A 138 23.90 -1.28 -17.56
C ASN A 138 24.48 -0.93 -16.19
N LYS A 139 24.35 0.33 -15.84
CA LYS A 139 24.96 0.88 -14.64
C LYS A 139 24.52 2.32 -14.58
N PRO A 140 24.86 3.04 -13.50
CA PRO A 140 24.55 4.46 -13.46
C PRO A 140 25.20 5.24 -14.59
N TYR A 141 24.47 6.16 -15.20
CA TYR A 141 24.96 6.82 -16.42
C TYR A 141 24.08 8.00 -16.70
N SER A 142 24.67 9.13 -17.07
CA SER A 142 23.88 10.26 -17.54
C SER A 142 23.21 9.89 -18.86
N GLY A 143 21.91 10.19 -18.99
CA GLY A 143 21.16 9.91 -20.23
C GLY A 143 21.87 10.32 -21.53
N THR A 144 22.67 11.39 -21.43
CA THR A 144 23.34 12.00 -22.57
C THR A 144 24.62 11.29 -22.94
N ALA A 145 25.47 11.04 -21.95
CA ALA A 145 26.74 10.34 -22.20
C ALA A 145 26.48 8.94 -22.73
N VAL A 146 25.41 8.29 -22.25
CA VAL A 146 25.11 6.91 -22.64
C VAL A 146 24.68 6.85 -24.13
N ILE A 147 23.81 7.77 -24.55
CA ILE A 147 23.43 7.90 -25.96
C ILE A 147 24.66 8.21 -26.84
N ASP A 148 25.57 9.04 -26.34
CA ASP A 148 26.79 9.38 -27.07
C ASP A 148 27.76 8.20 -27.10
N ASP A 149 27.91 7.52 -25.96
CA ASP A 149 28.91 6.45 -25.85
C ASP A 149 28.53 5.15 -26.58
N PHE A 150 27.25 4.79 -26.57
CA PHE A 150 26.82 3.48 -27.10
C PHE A 150 25.79 3.51 -28.24
N GLY A 151 25.28 4.71 -28.55
CA GLY A 151 24.37 4.90 -29.69
C GLY A 151 24.94 4.40 -31.01
N PRO A 152 26.16 4.82 -31.35
CA PRO A 152 26.82 4.32 -32.56
C PRO A 152 26.74 2.79 -32.66
N ARG A 153 27.13 2.12 -31.58
CA ARG A 153 26.98 0.67 -31.47
C ARG A 153 25.52 0.22 -31.65
N GLN A 154 24.58 0.93 -31.03
CA GLN A 154 23.15 0.59 -31.11
C GLN A 154 22.61 0.69 -32.53
N MET A 155 23.12 1.64 -33.29
CA MET A 155 22.64 1.86 -34.64
C MET A 155 23.03 0.72 -35.56
N GLU A 156 24.15 0.07 -35.24
CA GLU A 156 24.68 -1.05 -36.01
C GLU A 156 24.04 -2.38 -35.60
N THR A 157 23.87 -2.60 -34.29
CA THR A 157 23.50 -3.93 -33.76
C THR A 157 22.03 -4.10 -33.33
N GLY A 158 21.34 -2.95 -33.19
CA GLY A 158 19.96 -3.01 -32.71
C GLY A 158 19.81 -3.32 -31.22
N GLU A 159 20.95 -3.46 -30.52
CA GLU A 159 20.93 -3.79 -29.08
C GLU A 159 20.23 -2.73 -28.27
N LEU A 160 19.65 -3.11 -27.12
CA LEU A 160 19.03 -2.15 -26.21
C LEU A 160 20.07 -1.50 -25.32
N ILE A 161 19.86 -0.23 -25.01
CA ILE A 161 20.69 0.48 -24.04
C ILE A 161 19.84 0.67 -22.80
N ILE A 162 20.14 -0.10 -21.76
CA ILE A 162 19.39 -0.02 -20.49
C ILE A 162 20.33 0.46 -19.39
N TYR A 163 19.97 1.57 -18.76
CA TYR A 163 20.85 2.23 -17.79
C TYR A 163 20.03 2.76 -16.64
N THR A 164 20.70 3.21 -15.58
CA THR A 164 20.01 3.75 -14.42
C THR A 164 20.71 5.03 -13.90
N SER A 165 20.30 5.48 -12.71
CA SER A 165 20.91 6.64 -12.03
C SER A 165 20.87 6.36 -10.53
N ALA A 166 21.20 7.33 -9.69
CA ALA A 166 21.15 7.12 -8.22
C ALA A 166 19.73 6.75 -7.70
N ASP A 167 18.72 7.04 -8.53
CA ASP A 167 17.30 6.77 -8.23
C ASP A 167 16.80 5.39 -8.68
N PRO A 168 15.67 4.92 -8.11
CA PRO A 168 15.13 3.63 -8.53
C PRO A 168 14.40 3.72 -9.88
N VAL A 169 15.19 3.93 -10.94
CA VAL A 169 14.66 4.17 -12.27
C VAL A 169 15.38 3.25 -13.25
N LEU A 170 14.61 2.70 -14.21
CA LEU A 170 15.17 1.92 -15.31
C LEU A 170 14.84 2.68 -16.61
N GLN A 171 15.87 3.10 -17.35
CA GLN A 171 15.67 3.85 -18.60
C GLN A 171 16.16 3.07 -19.81
N ILE A 172 15.36 3.08 -20.87
CA ILE A 172 15.70 2.37 -22.08
C ILE A 172 15.84 3.39 -23.20
N ALA A 173 17.07 3.60 -23.66
CA ALA A 173 17.35 4.47 -24.80
C ALA A 173 17.34 3.62 -26.05
N ALA A 174 16.67 4.11 -27.10
CA ALA A 174 16.57 3.40 -28.36
C ALA A 174 16.36 4.39 -29.53
N HIS A 175 17.24 4.31 -30.53
CA HIS A 175 17.20 5.19 -31.68
C HIS A 175 15.98 4.85 -32.54
N GLU A 176 15.15 5.85 -32.85
CA GLU A 176 13.90 5.63 -33.62
C GLU A 176 14.02 5.00 -34.99
N ASP A 177 15.17 5.11 -35.66
CA ASP A 177 15.35 4.55 -37.01
C ASP A 177 15.61 3.05 -36.98
N VAL A 178 16.01 2.53 -35.82
CA VAL A 178 16.45 1.14 -35.71
C VAL A 178 15.62 0.32 -34.72
N ILE A 179 15.05 0.99 -33.71
CA ILE A 179 14.05 0.38 -32.82
C ILE A 179 12.71 1.15 -32.89
N PRO A 180 11.69 0.58 -33.57
CA PRO A 180 10.41 1.28 -33.70
C PRO A 180 9.79 1.65 -32.36
N LEU A 181 9.24 2.86 -32.28
CA LEU A 181 8.63 3.37 -31.03
C LEU A 181 7.66 2.40 -30.38
N ASP A 182 6.78 1.78 -31.17
CA ASP A 182 5.76 0.89 -30.61
C ASP A 182 6.39 -0.27 -29.84
N GLU A 183 7.53 -0.75 -30.33
CA GLU A 183 8.26 -1.87 -29.72
C GLU A 183 8.96 -1.40 -28.46
N LEU A 184 9.61 -0.24 -28.53
CA LEU A 184 10.15 0.41 -27.32
C LEU A 184 9.10 0.50 -26.20
N TYR A 185 7.89 0.93 -26.53
CA TYR A 185 6.85 1.07 -25.50
C TYR A 185 6.44 -0.30 -24.97
N ARG A 186 6.26 -1.27 -25.88
CA ARG A 186 5.93 -2.63 -25.45
C ARG A 186 7.01 -3.18 -24.51
N ILE A 187 8.27 -2.87 -24.83
CA ILE A 187 9.41 -3.37 -24.07
C ILE A 187 9.39 -2.76 -22.67
N CYS A 188 9.17 -1.45 -22.60
CA CYS A 188 8.97 -0.74 -21.35
C CYS A 188 7.76 -1.20 -20.49
N GLU A 189 6.65 -1.52 -21.12
CA GLU A 189 5.50 -2.08 -20.42
C GLU A 189 5.82 -3.44 -19.82
N TYR A 190 6.53 -4.24 -20.58
CA TYR A 190 6.96 -5.52 -20.08
C TYR A 190 7.86 -5.32 -18.90
N ALA A 191 8.78 -4.37 -19.03
CA ALA A 191 9.75 -4.02 -17.96
C ALA A 191 9.03 -3.57 -16.70
N ARG A 192 8.05 -2.71 -16.89
CA ARG A 192 7.25 -2.20 -15.77
C ARG A 192 6.52 -3.35 -15.04
N SER A 193 6.11 -4.39 -15.77
CA SER A 193 5.31 -5.51 -15.23
C SER A 193 6.14 -6.53 -14.41
N ILE A 194 7.45 -6.53 -14.58
CA ILE A 194 8.30 -7.49 -13.89
C ILE A 194 9.14 -6.81 -12.82
N THR A 195 8.84 -5.54 -12.52
CA THR A 195 9.56 -4.73 -11.53
C THR A 195 8.63 -4.14 -10.45
N LEU A 196 7.69 -4.95 -9.95
CA LEU A 196 6.67 -4.51 -8.98
C LEU A 196 6.95 -5.05 -7.58
N GLU A 197 8.01 -5.85 -7.43
CA GLU A 197 8.38 -6.42 -6.12
C GLU A 197 9.87 -6.50 -5.92
N ARG A 198 10.33 -6.29 -4.70
CA ARG A 198 11.72 -6.54 -4.35
C ARG A 198 12.07 -7.99 -4.69
N PRO A 199 13.32 -8.23 -5.16
CA PRO A 199 14.43 -7.29 -5.27
C PRO A 199 14.53 -6.48 -6.58
N ALA A 200 13.43 -6.30 -7.30
CA ALA A 200 13.44 -5.41 -8.46
C ALA A 200 12.29 -4.43 -8.41
N LEU A 201 12.12 -3.73 -7.30
CA LEU A 201 11.00 -2.79 -7.17
C LEU A 201 11.44 -1.42 -7.67
N LEU A 202 10.87 -1.03 -8.80
CA LEU A 202 11.26 0.21 -9.44
C LEU A 202 10.17 1.28 -9.35
N GLY A 203 10.61 2.49 -9.07
CA GLY A 203 9.75 3.64 -9.01
C GLY A 203 9.22 3.98 -10.37
N ARG A 204 10.10 4.01 -11.37
CA ARG A 204 9.65 4.24 -12.73
C ARG A 204 10.52 3.67 -13.83
N ILE A 205 9.86 3.36 -14.93
CA ILE A 205 10.51 2.93 -16.15
C ILE A 205 10.34 4.11 -17.09
N ILE A 206 11.43 4.52 -17.74
CA ILE A 206 11.37 5.58 -18.76
C ILE A 206 11.80 5.09 -20.15
N ALA A 207 10.94 5.32 -21.15
CA ALA A 207 11.31 5.14 -22.57
C ALA A 207 12.02 6.40 -23.03
N ARG A 208 13.25 6.24 -23.53
CA ARG A 208 14.04 7.35 -24.01
C ARG A 208 14.33 7.19 -25.48
N PRO A 209 13.34 7.46 -26.35
CA PRO A 209 13.66 7.44 -27.75
C PRO A 209 14.64 8.56 -28.06
N TYR A 210 15.34 8.43 -29.19
CA TYR A 210 16.22 9.49 -29.64
C TYR A 210 16.51 9.35 -31.14
N VAL A 211 16.80 10.48 -31.78
CA VAL A 211 17.16 10.50 -33.19
C VAL A 211 18.49 11.23 -33.39
N GLY A 212 18.86 11.43 -34.65
CA GLY A 212 20.07 12.16 -34.98
C GLY A 212 21.13 11.22 -35.53
N LYS A 213 22.38 11.52 -35.17
CA LYS A 213 23.55 10.85 -35.76
C LYS A 213 24.76 11.03 -34.84
N PRO A 214 25.77 10.12 -34.95
CA PRO A 214 26.86 10.04 -33.95
C PRO A 214 27.58 11.36 -33.71
N ARG A 215 27.98 11.60 -32.45
CA ARG A 215 28.54 12.88 -31.99
C ARG A 215 27.53 14.04 -32.02
N ASN A 216 26.22 13.74 -32.12
CA ASN A 216 25.19 14.78 -32.27
C ASN A 216 23.76 14.22 -32.24
N PHE A 217 23.40 13.62 -31.10
CA PHE A 217 22.08 12.98 -30.91
C PHE A 217 21.07 13.91 -30.24
N THR A 218 19.78 13.75 -30.58
CA THR A 218 18.68 14.47 -29.91
C THR A 218 17.68 13.49 -29.30
N ARG A 219 17.27 13.77 -28.07
CA ARG A 219 16.26 12.95 -27.38
C ARG A 219 14.88 13.51 -27.68
N THR A 220 14.03 12.71 -28.31
CA THR A 220 12.76 13.18 -28.86
C THR A 220 11.65 13.22 -27.81
N ALA A 221 10.55 13.88 -28.17
CA ALA A 221 9.39 14.07 -27.28
C ALA A 221 8.53 12.80 -27.12
N ASN A 222 8.90 11.72 -27.81
CA ASN A 222 8.15 10.47 -27.76
C ASN A 222 8.41 9.69 -26.46
N ARG A 223 9.17 10.29 -25.54
CA ARG A 223 9.32 9.76 -24.19
C ARG A 223 7.98 9.40 -23.54
N HIS A 224 7.92 8.25 -22.88
CA HIS A 224 6.73 7.79 -22.10
C HIS A 224 7.29 7.34 -20.76
N ASP A 225 6.52 7.57 -19.70
CA ASP A 225 6.90 7.19 -18.35
C ASP A 225 5.93 6.19 -17.79
N TYR A 226 6.42 5.28 -16.98
CA TYR A 226 5.60 4.24 -16.38
C TYR A 226 5.89 4.18 -14.88
N ALA A 227 5.25 5.07 -14.12
CA ALA A 227 5.56 5.29 -12.71
C ALA A 227 4.55 4.62 -11.77
N LEU A 228 4.99 4.35 -10.55
CA LEU A 228 4.09 3.84 -9.52
C LEU A 228 3.51 5.06 -8.79
N SER A 229 2.22 4.96 -8.47
CA SER A 229 1.56 5.95 -7.66
C SER A 229 1.66 5.47 -6.23
N PRO A 230 1.46 6.39 -5.28
CA PRO A 230 1.39 5.93 -3.93
C PRO A 230 0.37 4.78 -3.79
N PHE A 231 0.73 3.78 -2.99
CA PHE A 231 -0.13 2.57 -2.86
C PHE A 231 -1.32 2.71 -1.90
N ALA A 232 -1.34 3.81 -1.16
CA ALA A 232 -2.46 4.16 -0.29
C ALA A 232 -2.70 5.67 -0.41
N PRO A 233 -3.93 6.16 -0.13
CA PRO A 233 -4.11 7.61 -0.17
C PRO A 233 -3.15 8.33 0.78
N THR A 234 -2.51 9.39 0.30
CA THR A 234 -1.65 10.22 1.13
C THR A 234 -2.46 11.44 1.59
N VAL A 235 -1.87 12.30 2.41
CA VAL A 235 -2.57 13.55 2.80
C VAL A 235 -2.86 14.49 1.60
N LEU A 236 -2.06 14.44 0.54
CA LEU A 236 -2.43 15.12 -0.71
C LEU A 236 -3.80 14.68 -1.26
N ASN A 237 -4.06 13.36 -1.23
CA ASN A 237 -5.36 12.83 -1.65
C ASN A 237 -6.49 13.29 -0.74
N LYS A 238 -6.24 13.23 0.57
CA LYS A 238 -7.20 13.69 1.56
C LYS A 238 -7.56 15.17 1.29
N LEU A 239 -6.57 16.01 1.06
CA LEU A 239 -6.82 17.43 0.78
C LEU A 239 -7.59 17.62 -0.53
N ALA A 240 -7.09 17.04 -1.63
CA ALA A 240 -7.77 17.12 -2.93
C ALA A 240 -9.23 16.60 -2.89
N ASP A 241 -9.44 15.44 -2.29
CA ASP A 241 -10.81 14.92 -2.10
C ASP A 241 -11.74 15.86 -1.33
N ALA A 242 -11.18 16.68 -0.44
CA ALA A 242 -11.95 17.64 0.35
C ALA A 242 -12.11 19.02 -0.36
N GLY A 243 -11.57 19.15 -1.57
CA GLY A 243 -11.67 20.41 -2.34
C GLY A 243 -10.65 21.44 -1.89
N VAL A 244 -9.59 20.99 -1.23
CA VAL A 244 -8.53 21.88 -0.79
C VAL A 244 -7.43 21.85 -1.87
N SER A 245 -6.98 23.02 -2.30
CA SER A 245 -6.01 23.11 -3.38
C SER A 245 -4.66 22.51 -2.96
N THR A 246 -4.02 21.81 -3.88
CA THR A 246 -2.66 21.29 -3.64
C THR A 246 -1.77 21.72 -4.83
N TYR A 247 -0.84 22.62 -4.55
CA TYR A 247 0.05 23.17 -5.56
C TYR A 247 1.38 22.46 -5.41
N ALA A 248 1.92 21.95 -6.52
CA ALA A 248 3.22 21.25 -6.53
C ALA A 248 4.29 22.05 -7.30
N VAL A 249 5.50 22.15 -6.75
CA VAL A 249 6.62 22.82 -7.43
C VAL A 249 7.84 21.89 -7.48
N GLY A 250 8.45 21.75 -8.66
CA GLY A 250 9.67 20.93 -8.85
C GLY A 250 9.35 19.45 -9.11
N LYS A 251 10.11 18.57 -8.48
CA LYS A 251 9.97 17.11 -8.66
C LYS A 251 8.71 16.49 -8.00
N ILE A 252 7.96 17.31 -7.26
CA ILE A 252 6.83 16.80 -6.45
C ILE A 252 5.80 16.06 -7.25
N ASN A 253 5.38 16.61 -8.37
CA ASN A 253 4.36 15.93 -9.16
C ASN A 253 4.80 14.56 -9.68
N ASP A 254 6.04 14.49 -10.18
CA ASP A 254 6.68 13.22 -10.63
C ASP A 254 6.71 12.19 -9.49
N ILE A 255 7.12 12.65 -8.31
CA ILE A 255 7.32 11.77 -7.17
C ILE A 255 5.98 11.06 -6.78
N PHE A 256 4.89 11.82 -6.81
CA PHE A 256 3.54 11.33 -6.49
C PHE A 256 2.75 10.83 -7.69
N ASN A 257 3.37 10.88 -8.87
CA ASN A 257 2.73 10.53 -10.15
C ASN A 257 1.42 11.28 -10.26
N GLY A 258 1.48 12.57 -9.89
CA GLY A 258 0.29 13.44 -9.91
C GLY A 258 -0.84 13.12 -8.92
N SER A 259 -0.71 12.07 -8.08
CA SER A 259 -1.81 11.65 -7.17
C SER A 259 -2.10 12.71 -6.08
N GLY A 260 -3.32 13.23 -6.08
CA GLY A 260 -3.78 14.23 -5.11
C GLY A 260 -3.23 15.65 -5.35
N ILE A 261 -2.76 15.91 -6.57
CA ILE A 261 -2.19 17.19 -6.92
C ILE A 261 -3.11 17.89 -7.89
N THR A 262 -3.65 19.04 -7.45
CA THR A 262 -4.66 19.78 -8.21
C THR A 262 -4.01 20.81 -9.12
N ASN A 263 -2.80 21.26 -8.78
CA ASN A 263 -2.12 22.30 -9.54
C ASN A 263 -0.60 22.04 -9.59
N ASP A 264 -0.15 21.37 -10.63
CA ASP A 264 1.27 21.14 -10.83
C ASP A 264 1.88 22.37 -11.47
N MET A 265 2.83 23.00 -10.78
CA MET A 265 3.51 24.18 -11.34
C MET A 265 4.76 23.80 -12.10
N GLY A 266 5.11 22.51 -12.11
CA GLY A 266 6.12 22.00 -13.04
C GLY A 266 7.53 21.96 -12.46
N HIS A 267 8.46 21.51 -13.30
CA HIS A 267 9.86 21.32 -12.91
C HIS A 267 10.63 22.61 -12.67
N ASN A 268 11.62 22.52 -11.79
CA ASN A 268 12.55 23.60 -11.56
C ASN A 268 13.72 23.50 -12.54
N LYS A 269 14.09 24.62 -13.15
CA LYS A 269 15.32 24.71 -13.91
C LYS A 269 16.53 24.70 -12.97
N SER A 270 16.35 25.27 -11.77
CA SER A 270 17.35 25.34 -10.73
C SER A 270 16.63 25.60 -9.40
N ASN A 271 17.32 25.46 -8.28
CA ASN A 271 16.75 25.87 -6.99
C ASN A 271 16.19 27.32 -7.05
N SER A 272 16.97 28.27 -7.55
CA SER A 272 16.55 29.64 -7.57
C SER A 272 15.25 29.83 -8.42
N HIS A 273 15.17 29.14 -9.56
CA HIS A 273 13.97 29.22 -10.39
C HIS A 273 12.79 28.56 -9.68
N GLY A 274 13.07 27.55 -8.87
CA GLY A 274 12.06 26.98 -8.00
C GLY A 274 11.52 27.94 -6.96
N VAL A 275 12.42 28.62 -6.24
CA VAL A 275 12.00 29.61 -5.26
C VAL A 275 11.16 30.74 -5.92
N ASP A 276 11.57 31.17 -7.13
CA ASP A 276 10.79 32.11 -7.95
C ASP A 276 9.37 31.59 -8.21
N THR A 277 9.26 30.32 -8.59
CA THR A 277 7.96 29.73 -8.86
C THR A 277 7.07 29.64 -7.61
N LEU A 278 7.65 29.26 -6.49
CA LEU A 278 6.93 29.22 -5.22
C LEU A 278 6.41 30.61 -4.87
N ILE A 279 7.30 31.61 -4.92
CA ILE A 279 6.91 32.99 -4.65
C ILE A 279 5.76 33.45 -5.53
N LYS A 280 5.86 33.21 -6.84
CA LYS A 280 4.77 33.50 -7.78
C LYS A 280 3.48 32.74 -7.40
N THR A 281 3.60 31.45 -7.11
CA THR A 281 2.44 30.66 -6.69
C THR A 281 1.78 31.28 -5.44
N MET A 282 2.58 31.69 -4.46
CA MET A 282 2.05 32.29 -3.21
C MET A 282 1.28 33.59 -3.53
N GLY A 283 1.73 34.27 -4.59
CA GLY A 283 1.13 35.53 -5.05
C GLY A 283 -0.11 35.40 -5.94
N LEU A 284 -0.54 34.18 -6.25
CA LEU A 284 -1.71 34.00 -7.12
C LEU A 284 -2.97 34.41 -6.37
N SER A 285 -3.81 35.22 -7.01
CA SER A 285 -5.06 35.66 -6.37
C SER A 285 -6.00 34.46 -6.17
N ALA A 286 -5.94 33.48 -7.09
CA ALA A 286 -6.69 32.22 -6.97
C ALA A 286 -6.31 31.38 -5.74
N PHE A 287 -5.06 31.48 -5.30
CA PHE A 287 -4.58 30.64 -4.19
C PHE A 287 -4.90 31.29 -2.85
N THR A 288 -6.16 31.13 -2.43
CA THR A 288 -6.66 31.74 -1.20
C THR A 288 -6.61 30.81 0.00
N LYS A 289 -6.64 29.49 -0.25
CA LYS A 289 -6.66 28.47 0.82
C LYS A 289 -5.98 27.21 0.33
N GLY A 290 -5.21 26.55 1.18
CA GLY A 290 -4.67 25.24 0.82
C GLY A 290 -3.19 25.09 0.98
N PHE A 291 -2.62 24.16 0.19
CA PHE A 291 -1.32 23.57 0.46
C PHE A 291 -0.41 23.75 -0.75
N SER A 292 0.80 24.22 -0.49
CA SER A 292 1.87 24.18 -1.50
C SER A 292 3.00 23.30 -1.02
N PHE A 293 3.60 22.57 -1.97
CA PHE A 293 4.62 21.55 -1.69
C PHE A 293 5.71 21.72 -2.72
N THR A 294 6.88 22.18 -2.29
CA THR A 294 8.00 22.46 -3.16
C THR A 294 9.19 21.59 -2.79
N ASN A 295 9.82 21.03 -3.82
CA ASN A 295 11.09 20.32 -3.70
C ASN A 295 12.18 21.19 -4.31
N LEU A 296 13.22 21.47 -3.57
CA LEU A 296 14.43 22.07 -4.14
C LEU A 296 15.54 21.02 -4.13
N VAL A 297 15.92 20.56 -5.33
CA VAL A 297 16.66 19.32 -5.51
C VAL A 297 18.17 19.46 -5.61
N ASP A 298 18.67 20.67 -5.91
CA ASP A 298 20.07 20.83 -6.27
C ASP A 298 21.05 20.32 -5.19
N PHE A 299 20.69 20.48 -3.93
CA PHE A 299 21.51 19.98 -2.82
C PHE A 299 21.86 18.50 -3.06
N ASP A 300 20.87 17.72 -3.45
CA ASP A 300 21.03 16.29 -3.66
C ASP A 300 21.72 15.97 -4.99
N ALA A 301 21.14 16.47 -6.08
CA ALA A 301 21.58 16.08 -7.42
C ALA A 301 22.99 16.59 -7.74
N LEU A 302 23.29 17.83 -7.37
CA LEU A 302 24.53 18.46 -7.80
C LEU A 302 25.66 18.32 -6.77
N TYR A 303 25.31 18.31 -5.49
CA TYR A 303 26.32 18.43 -4.42
C TYR A 303 26.51 17.15 -3.55
N GLY A 304 25.42 16.60 -3.02
CA GLY A 304 25.50 15.35 -2.24
C GLY A 304 26.03 14.17 -3.01
N HIS A 305 25.33 13.80 -4.09
CA HIS A 305 25.76 12.67 -4.92
C HIS A 305 27.17 12.81 -5.51
N ARG A 306 27.63 14.04 -5.73
CA ARG A 306 28.97 14.27 -6.24
C ARG A 306 30.02 14.49 -5.14
N ARG A 307 29.60 14.33 -3.88
CA ARG A 307 30.47 14.51 -2.73
C ARG A 307 31.24 15.82 -2.79
N ASN A 308 30.47 16.89 -3.03
CA ASN A 308 31.04 18.24 -3.16
C ASN A 308 30.55 19.09 -1.99
N ALA A 309 31.32 19.15 -0.92
CA ALA A 309 30.95 19.91 0.26
C ALA A 309 30.92 21.43 0.04
N HIS A 310 31.93 21.95 -0.65
CA HIS A 310 32.01 23.39 -0.95
C HIS A 310 30.75 23.86 -1.68
N GLY A 311 30.36 23.12 -2.71
CA GLY A 311 29.14 23.43 -3.48
C GLY A 311 27.87 23.31 -2.66
N TYR A 312 27.78 22.26 -1.85
CA TYR A 312 26.65 22.05 -0.99
C TYR A 312 26.47 23.28 -0.05
N ARG A 313 27.55 23.69 0.61
CA ARG A 313 27.55 24.90 1.44
C ARG A 313 27.00 26.13 0.65
N ASP A 314 27.52 26.37 -0.53
CA ASP A 314 27.10 27.55 -1.33
C ASP A 314 25.60 27.46 -1.65
N CYS A 315 25.13 26.26 -2.00
CA CYS A 315 23.74 26.04 -2.33
C CYS A 315 22.82 26.33 -1.11
N LEU A 316 23.21 25.83 0.07
CA LEU A 316 22.56 26.21 1.33
C LEU A 316 22.59 27.73 1.60
N HIS A 317 23.75 28.35 1.47
CA HIS A 317 23.87 29.82 1.64
C HIS A 317 22.92 30.57 0.65
N GLU A 318 22.83 30.12 -0.59
CA GLU A 318 21.99 30.75 -1.58
C GLU A 318 20.50 30.61 -1.24
N PHE A 319 20.10 29.45 -0.69
CA PHE A 319 18.74 29.29 -0.25
C PHE A 319 18.48 30.22 0.93
N ASP A 320 19.38 30.24 1.91
CA ASP A 320 19.19 31.07 3.08
C ASP A 320 19.05 32.54 2.68
N GLU A 321 19.86 32.99 1.73
CA GLU A 321 19.77 34.36 1.24
C GLU A 321 18.39 34.66 0.66
N ARG A 322 17.72 33.66 0.10
CA ARG A 322 16.41 33.87 -0.51
C ARG A 322 15.25 33.68 0.46
N LEU A 323 15.52 33.02 1.57
CA LEU A 323 14.48 32.71 2.53
C LEU A 323 13.67 33.94 2.95
N PRO A 324 14.32 35.11 3.17
CA PRO A 324 13.52 36.31 3.53
C PRO A 324 12.51 36.73 2.47
N GLU A 325 12.78 36.37 1.22
CA GLU A 325 11.84 36.65 0.14
C GLU A 325 10.61 35.75 0.26
N ILE A 326 10.82 34.50 0.64
CA ILE A 326 9.72 33.58 0.79
C ILE A 326 8.83 34.08 1.93
N ILE A 327 9.46 34.45 3.03
CA ILE A 327 8.75 34.99 4.17
C ILE A 327 8.01 36.29 3.89
N ALA A 328 8.64 37.22 3.15
CA ALA A 328 7.98 38.49 2.77
C ALA A 328 6.69 38.28 1.94
N ALA A 329 6.62 37.15 1.25
CA ALA A 329 5.45 36.79 0.40
C ALA A 329 4.35 36.06 1.19
N MET A 330 4.65 35.64 2.42
CA MET A 330 3.64 34.96 3.23
C MET A 330 2.52 35.93 3.64
N LYS A 331 1.30 35.40 3.73
CA LYS A 331 0.25 36.06 4.47
C LYS A 331 0.49 35.79 5.97
N VAL A 332 -0.12 36.62 6.82
CA VAL A 332 0.03 36.48 8.26
C VAL A 332 -0.47 35.12 8.73
N ASP A 333 -1.53 34.61 8.12
CA ASP A 333 -2.12 33.32 8.52
C ASP A 333 -1.65 32.18 7.65
N ASP A 334 -0.48 32.36 7.04
CA ASP A 334 0.23 31.29 6.36
C ASP A 334 1.18 30.66 7.35
N LEU A 335 1.41 29.36 7.14
CA LEU A 335 2.47 28.64 7.80
C LEU A 335 3.52 28.15 6.78
N LEU A 336 4.79 28.33 7.12
CA LEU A 336 5.89 27.84 6.32
C LEU A 336 6.58 26.70 7.08
N LEU A 337 6.77 25.57 6.41
CA LEU A 337 7.52 24.44 6.94
C LEU A 337 8.67 24.12 6.03
N ILE A 338 9.86 23.98 6.60
CA ILE A 338 11.04 23.64 5.84
C ILE A 338 11.59 22.30 6.36
N THR A 339 11.87 21.36 5.48
CA THR A 339 12.34 20.05 5.91
C THR A 339 13.21 19.37 4.88
N ALA A 340 13.54 18.11 5.10
CA ALA A 340 14.25 17.34 4.08
C ALA A 340 13.70 15.90 4.07
N ASP A 341 14.16 15.10 3.13
CA ASP A 341 13.60 13.79 2.87
C ASP A 341 14.55 12.63 3.21
N HIS A 342 15.81 12.99 3.52
CA HIS A 342 16.88 12.06 3.92
C HIS A 342 18.14 12.92 3.98
N GLY A 343 19.30 12.29 4.20
CA GLY A 343 20.58 12.94 4.10
C GLY A 343 21.30 12.62 2.80
N ASN A 344 22.40 13.33 2.57
CA ASN A 344 23.32 12.98 1.47
C ASN A 344 24.62 13.69 1.78
N ASP A 345 25.30 13.13 2.77
CA ASP A 345 26.44 13.72 3.35
C ASP A 345 27.59 13.80 2.32
N PRO A 346 27.98 15.04 1.89
CA PRO A 346 29.01 15.21 0.88
C PRO A 346 30.43 14.87 1.34
N THR A 347 30.61 14.53 2.62
CA THR A 347 31.90 14.12 3.17
C THR A 347 32.05 12.63 3.33
N TYR A 348 31.01 11.86 2.97
CA TYR A 348 30.95 10.41 3.25
C TYR A 348 31.48 9.54 2.10
N ALA A 349 31.86 8.32 2.46
CA ALA A 349 32.16 7.26 1.47
C ALA A 349 30.94 7.04 0.60
N GLY A 350 31.09 6.37 -0.52
CA GLY A 350 29.94 6.14 -1.43
C GLY A 350 29.51 7.42 -2.14
N THR A 351 28.40 7.35 -2.86
CA THR A 351 27.82 8.49 -3.55
C THR A 351 26.32 8.47 -3.45
N ASP A 352 25.80 7.74 -2.46
CA ASP A 352 24.36 7.63 -2.20
C ASP A 352 23.92 8.53 -1.06
N HIS A 353 22.61 8.62 -0.95
CA HIS A 353 21.91 9.16 0.20
C HIS A 353 22.40 8.52 1.50
N THR A 354 22.26 9.28 2.57
CA THR A 354 22.60 8.80 3.90
C THR A 354 21.35 8.80 4.80
N ARG A 355 21.20 7.74 5.61
CA ARG A 355 20.07 7.56 6.54
C ARG A 355 20.20 8.50 7.76
N GLU A 356 19.49 9.62 7.71
CA GLU A 356 19.60 10.69 8.71
C GLU A 356 18.26 11.20 9.16
N TYR A 357 18.27 11.78 10.34
CA TYR A 357 17.20 12.69 10.79
C TYR A 357 17.18 13.90 9.86
N VAL A 358 16.01 14.51 9.71
CA VAL A 358 15.84 15.67 8.89
C VAL A 358 15.40 16.82 9.79
N PRO A 359 15.88 18.04 9.50
CA PRO A 359 15.44 19.23 10.23
C PRO A 359 13.97 19.55 9.94
N LEU A 360 13.31 20.21 10.89
CA LEU A 360 11.99 20.78 10.66
C LEU A 360 12.03 22.20 11.15
N LEU A 361 11.77 23.16 10.27
CA LEU A 361 11.67 24.58 10.68
C LEU A 361 10.28 25.05 10.38
N ALA A 362 9.65 25.70 11.34
CA ALA A 362 8.27 26.13 11.22
C ALA A 362 8.18 27.64 11.53
N TYR A 363 7.54 28.41 10.63
CA TYR A 363 7.41 29.86 10.78
C TYR A 363 6.05 30.36 10.30
N SER A 364 5.42 31.22 11.12
CA SER A 364 4.29 32.03 10.69
C SER A 364 4.38 33.38 11.40
N PRO A 365 4.03 34.46 10.69
CA PRO A 365 3.89 35.76 11.34
C PRO A 365 2.85 35.77 12.47
N SER A 366 1.90 34.81 12.44
CA SER A 366 0.84 34.74 13.45
C SER A 366 1.28 34.06 14.75
N PHE A 367 2.53 33.61 14.83
CA PHE A 367 2.96 32.81 15.99
C PHE A 367 2.92 33.70 17.23
N THR A 368 2.47 33.14 18.34
CA THR A 368 2.51 33.82 19.64
C THR A 368 3.60 33.21 20.55
N GLY A 369 4.42 32.33 19.98
CA GLY A 369 5.48 31.66 20.72
C GLY A 369 6.53 31.12 19.76
N ASN A 370 7.56 30.50 20.32
CA ASN A 370 8.67 29.98 19.54
C ASN A 370 9.44 29.00 20.42
N GLY A 371 10.40 28.31 19.83
CA GLY A 371 11.25 27.38 20.58
C GLY A 371 11.46 26.06 19.84
N VAL A 372 11.49 24.99 20.60
CA VAL A 372 11.89 23.70 20.14
C VAL A 372 10.77 22.69 20.48
N LEU A 373 10.40 21.88 19.49
CA LEU A 373 9.40 20.86 19.63
C LEU A 373 10.07 19.54 19.94
N PRO A 374 9.33 18.63 20.58
CA PRO A 374 9.85 17.30 20.80
C PRO A 374 10.28 16.69 19.46
N VAL A 375 11.35 15.91 19.49
CA VAL A 375 11.79 15.14 18.32
C VAL A 375 10.62 14.26 17.82
N GLY A 376 10.42 14.22 16.51
CA GLY A 376 9.28 13.53 15.92
C GLY A 376 9.63 12.61 14.76
N HIS A 377 8.66 12.42 13.90
CA HIS A 377 8.77 11.49 12.74
C HIS A 377 8.31 12.23 11.48
N TYR A 378 8.79 11.82 10.30
CA TYR A 378 8.50 12.50 9.01
C TYR A 378 6.99 12.75 8.82
N ALA A 379 6.16 11.73 9.03
CA ALA A 379 4.74 11.82 8.68
C ALA A 379 3.96 12.73 9.63
N ASP A 380 4.59 13.17 10.71
CA ASP A 380 3.97 14.19 11.58
C ASP A 380 3.70 15.46 10.76
N ILE A 381 4.49 15.67 9.71
CA ILE A 381 4.24 16.79 8.79
C ILE A 381 2.85 16.66 8.16
N SER A 382 2.60 15.51 7.51
CA SER A 382 1.31 15.18 6.92
C SER A 382 0.18 15.33 7.95
N ALA A 383 0.37 14.83 9.17
CA ALA A 383 -0.71 14.83 10.14
C ALA A 383 -1.02 16.24 10.62
N THR A 384 0.01 17.06 10.76
CA THR A 384 -0.15 18.49 11.09
C THR A 384 -0.99 19.20 10.04
N ILE A 385 -0.65 18.98 8.76
CA ILE A 385 -1.37 19.52 7.63
C ILE A 385 -2.82 19.05 7.58
N ALA A 386 -3.05 17.75 7.76
CA ALA A 386 -4.40 17.18 7.80
C ALA A 386 -5.26 17.81 8.91
N ASP A 387 -4.66 17.90 10.08
CA ASP A 387 -5.28 18.49 11.25
C ASP A 387 -5.70 19.96 10.90
N ASN A 388 -4.79 20.70 10.27
CA ASN A 388 -5.02 22.12 10.01
C ASN A 388 -6.22 22.28 9.09
N PHE A 389 -6.32 21.42 8.08
CA PHE A 389 -7.39 21.53 7.08
C PHE A 389 -8.62 20.64 7.31
N GLY A 390 -8.67 19.97 8.46
CA GLY A 390 -9.86 19.23 8.88
C GLY A 390 -10.08 17.97 8.05
N VAL A 391 -9.00 17.35 7.57
CA VAL A 391 -9.09 16.09 6.81
C VAL A 391 -8.43 14.92 7.60
N ASP A 392 -8.67 13.68 7.17
CA ASP A 392 -8.07 12.50 7.81
C ASP A 392 -6.54 12.44 7.60
N THR A 393 -5.84 11.86 8.56
CA THR A 393 -4.46 11.42 8.41
C THR A 393 -4.45 10.22 7.46
N ALA A 394 -3.27 9.89 6.93
CA ALA A 394 -3.12 8.71 6.06
C ALA A 394 -2.71 7.49 6.94
N MET A 395 -1.58 6.84 6.67
CA MET A 395 -1.20 5.62 7.42
C MET A 395 -0.60 5.91 8.78
N ILE A 396 0.28 6.92 8.82
CA ILE A 396 1.03 7.23 10.00
C ILE A 396 1.17 8.74 10.20
N GLY A 397 1.60 9.12 11.38
CA GLY A 397 1.91 10.54 11.68
C GLY A 397 1.01 11.04 12.78
N GLU A 398 1.54 11.96 13.57
CA GLU A 398 0.78 12.62 14.61
C GLU A 398 1.00 14.14 14.51
N SER A 399 -0.08 14.89 14.63
CA SER A 399 -0.06 16.33 14.42
C SER A 399 0.73 17.03 15.51
N PHE A 400 1.53 18.03 15.13
CA PHE A 400 2.10 18.97 16.12
C PHE A 400 1.47 20.37 16.00
N LEU A 401 0.27 20.43 15.43
CA LEU A 401 -0.38 21.70 15.18
C LEU A 401 -0.64 22.47 16.48
N ASP A 402 -1.00 21.77 17.54
CA ASP A 402 -1.34 22.41 18.81
C ASP A 402 -0.13 23.04 19.49
N LYS A 403 1.08 22.59 19.15
CA LYS A 403 2.28 23.25 19.67
C LYS A 403 2.54 24.57 18.92
N LEU A 404 1.99 24.70 17.71
CA LEU A 404 2.14 25.92 16.87
C LEU A 404 1.07 27.00 17.07
N ILE A 405 -0.10 26.58 17.57
CA ILE A 405 -1.26 27.46 17.77
C ILE A 405 -1.73 27.45 19.25
N THR B 5 -1.13 -14.82 29.75
CA THR B 5 -1.44 -14.83 28.28
C THR B 5 -2.02 -16.18 27.85
N PHE B 6 -2.68 -16.23 26.69
CA PHE B 6 -3.08 -17.50 26.09
C PHE B 6 -1.92 -18.04 25.24
N ASN B 7 -1.61 -19.32 25.37
CA ASN B 7 -0.50 -19.88 24.63
C ASN B 7 -0.78 -20.09 23.13
N ARG B 8 -2.04 -20.43 22.81
CA ARG B 8 -2.52 -20.41 21.42
C ARG B 8 -3.85 -19.67 21.28
N ILE B 9 -4.06 -19.04 20.12
CA ILE B 9 -5.30 -18.40 19.81
C ILE B 9 -5.73 -18.94 18.47
N HIS B 10 -6.99 -19.39 18.42
CA HIS B 10 -7.62 -19.89 17.20
C HIS B 10 -8.76 -18.95 16.80
N LEU B 11 -8.57 -18.31 15.66
CA LEU B 11 -9.52 -17.38 15.11
C LEU B 11 -10.20 -18.07 13.96
N VAL B 12 -11.52 -18.17 14.01
CA VAL B 12 -12.31 -18.78 12.94
C VAL B 12 -13.23 -17.71 12.37
N VAL B 13 -13.14 -17.52 11.06
CA VAL B 13 -14.04 -16.64 10.37
C VAL B 13 -15.14 -17.47 9.68
N LEU B 14 -16.37 -17.22 10.10
CA LEU B 14 -17.57 -17.72 9.43
C LEU B 14 -17.92 -16.68 8.38
N ASP B 15 -17.50 -16.95 7.14
CA ASP B 15 -17.52 -15.94 6.13
C ASP B 15 -18.93 -15.44 5.87
N SER B 16 -19.15 -14.14 6.05
CA SER B 16 -20.39 -13.43 5.68
C SER B 16 -21.47 -13.48 6.75
N VAL B 17 -21.14 -14.00 7.93
CA VAL B 17 -22.15 -14.18 8.97
C VAL B 17 -22.34 -12.88 9.75
N GLY B 18 -23.11 -11.98 9.14
CA GLY B 18 -23.33 -10.65 9.70
C GLY B 18 -24.43 -10.63 10.76
N ILE B 19 -24.42 -9.57 11.57
CA ILE B 19 -25.38 -9.41 12.70
C ILE B 19 -26.10 -8.05 12.72
N GLY B 20 -26.30 -7.48 11.52
CA GLY B 20 -27.13 -6.30 11.28
C GLY B 20 -26.39 -5.17 10.57
N ALA B 21 -27.12 -4.41 9.74
CA ALA B 21 -26.60 -3.27 8.98
C ALA B 21 -25.74 -2.34 9.85
N ALA B 22 -24.55 -1.97 9.33
CA ALA B 22 -23.62 -1.10 10.04
C ALA B 22 -24.11 0.35 9.93
N PRO B 23 -23.57 1.25 10.78
CA PRO B 23 -23.99 2.65 10.71
C PRO B 23 -23.78 3.28 9.32
N ASP B 24 -22.74 2.87 8.60
CA ASP B 24 -22.47 3.38 7.24
C ASP B 24 -23.02 2.50 6.11
N ALA B 25 -23.94 1.57 6.41
CA ALA B 25 -24.43 0.59 5.43
C ALA B 25 -25.06 1.20 4.18
N ASN B 26 -25.72 2.35 4.31
CA ASN B 26 -26.34 2.99 3.17
C ASN B 26 -25.30 3.58 2.18
N ASN B 27 -24.03 3.58 2.54
CA ASN B 27 -22.96 3.88 1.58
C ASN B 27 -22.61 2.73 0.66
N PHE B 28 -23.26 1.58 0.86
CA PHE B 28 -23.05 0.38 0.08
C PHE B 28 -24.41 -0.07 -0.46
N SER B 29 -24.39 -0.91 -1.49
CA SER B 29 -25.61 -1.29 -2.14
C SER B 29 -25.56 -2.68 -2.77
N ASN B 30 -26.76 -3.11 -3.14
CA ASN B 30 -27.03 -4.38 -3.74
C ASN B 30 -28.05 -4.15 -4.82
N ALA B 31 -27.62 -4.31 -6.07
CA ALA B 31 -28.51 -4.04 -7.22
C ALA B 31 -29.25 -2.71 -7.06
N GLY B 32 -28.54 -1.67 -6.62
CA GLY B 32 -29.11 -0.31 -6.48
C GLY B 32 -29.77 -0.05 -5.10
N VAL B 33 -29.97 -1.10 -4.30
CA VAL B 33 -30.67 -0.99 -3.02
C VAL B 33 -29.61 -0.80 -1.96
N PRO B 34 -29.63 0.32 -1.23
CA PRO B 34 -28.65 0.49 -0.17
C PRO B 34 -28.76 -0.61 0.88
N ASP B 35 -27.67 -0.90 1.57
CA ASP B 35 -27.56 -2.02 2.51
C ASP B 35 -28.17 -1.83 3.89
N GLY B 36 -28.75 -0.65 4.14
CA GLY B 36 -29.24 -0.25 5.45
C GLY B 36 -30.29 -1.10 6.13
N ALA B 37 -31.00 -1.97 5.38
CA ALA B 37 -32.01 -2.84 5.96
C ALA B 37 -31.47 -4.24 6.19
N SER B 38 -30.20 -4.49 5.83
CA SER B 38 -29.65 -5.84 5.86
C SER B 38 -29.49 -6.34 7.32
N ASP B 39 -29.55 -7.65 7.50
CA ASP B 39 -29.36 -8.31 8.79
C ASP B 39 -29.28 -9.83 8.58
N THR B 40 -28.06 -10.37 8.43
CA THR B 40 -27.90 -11.74 8.00
C THR B 40 -28.48 -12.67 9.06
N LEU B 41 -27.95 -12.64 10.28
CA LEU B 41 -28.43 -13.55 11.33
C LEU B 41 -29.88 -13.28 11.71
N GLY B 42 -30.29 -12.02 11.82
CA GLY B 42 -31.66 -11.71 12.24
C GLY B 42 -32.68 -12.10 11.21
N HIS B 43 -32.40 -11.82 9.94
CA HIS B 43 -33.33 -12.15 8.91
C HIS B 43 -33.42 -13.66 8.67
N ILE B 44 -32.32 -14.38 8.79
CA ILE B 44 -32.40 -15.84 8.73
C ILE B 44 -33.33 -16.36 9.88
N SER B 45 -33.02 -15.94 11.11
CA SER B 45 -33.80 -16.36 12.27
C SER B 45 -35.29 -16.12 12.09
N LYS B 46 -35.63 -14.94 11.57
CA LYS B 46 -37.04 -14.54 11.38
C LYS B 46 -37.78 -15.21 10.26
N THR B 47 -37.08 -15.77 9.30
CA THR B 47 -37.71 -16.40 8.14
C THR B 47 -37.74 -17.93 8.17
N VAL B 48 -36.57 -18.53 8.35
CA VAL B 48 -36.42 -19.96 8.31
C VAL B 48 -36.13 -20.56 9.69
N GLY B 49 -35.97 -19.73 10.71
CA GLY B 49 -35.51 -20.22 12.01
C GLY B 49 -34.00 -20.30 12.10
N LEU B 50 -33.51 -20.48 13.31
CA LEU B 50 -32.07 -20.66 13.55
C LEU B 50 -31.87 -21.24 14.95
N ASN B 51 -31.36 -22.47 14.98
CA ASN B 51 -31.14 -23.17 16.22
C ASN B 51 -29.64 -23.44 16.35
N VAL B 52 -28.98 -22.65 17.17
CA VAL B 52 -27.53 -22.69 17.35
C VAL B 52 -27.22 -22.66 18.85
N PRO B 53 -27.61 -23.73 19.57
CA PRO B 53 -27.50 -23.71 21.02
C PRO B 53 -26.06 -23.61 21.50
N ASN B 54 -25.09 -24.12 20.75
CA ASN B 54 -23.71 -24.08 21.24
C ASN B 54 -23.15 -22.66 21.16
N MET B 55 -23.33 -21.96 20.03
CA MET B 55 -22.99 -20.52 20.02
C MET B 55 -23.86 -19.70 20.99
N ALA B 56 -25.12 -20.07 21.16
CA ALA B 56 -26.00 -19.37 22.11
C ALA B 56 -25.45 -19.43 23.53
N LYS B 57 -24.95 -20.61 23.92
CA LYS B 57 -24.39 -20.84 25.27
C LYS B 57 -23.15 -19.97 25.49
N ILE B 58 -22.26 -19.90 24.50
CA ILE B 58 -21.13 -18.99 24.58
C ILE B 58 -21.65 -17.56 24.77
N GLY B 59 -22.68 -17.18 24.00
CA GLY B 59 -23.40 -15.92 24.22
C GLY B 59 -23.93 -15.17 22.98
N LEU B 60 -24.15 -15.86 21.87
CA LEU B 60 -24.54 -15.17 20.60
C LEU B 60 -25.75 -14.22 20.75
N GLY B 61 -26.76 -14.67 21.50
CA GLY B 61 -27.96 -13.89 21.80
C GLY B 61 -27.78 -12.80 22.84
N ASN B 62 -26.57 -12.65 23.36
CA ASN B 62 -26.24 -11.58 24.29
C ASN B 62 -25.60 -10.41 23.55
N ILE B 63 -25.12 -10.60 22.30
CA ILE B 63 -24.53 -9.51 21.51
C ILE B 63 -25.57 -8.39 21.35
N PRO B 64 -25.19 -7.11 21.61
CA PRO B 64 -26.19 -6.06 21.55
C PRO B 64 -26.80 -5.90 20.19
N ARG B 65 -28.13 -5.81 20.14
CA ARG B 65 -28.87 -5.45 18.92
C ARG B 65 -30.07 -4.59 19.33
N ASP B 66 -30.63 -3.82 18.39
CA ASP B 66 -31.87 -3.09 18.61
C ASP B 66 -33.04 -4.04 18.85
N THR B 67 -33.15 -5.07 18.03
CA THR B 67 -34.12 -6.13 18.22
C THR B 67 -33.39 -7.46 18.34
N PRO B 68 -33.75 -8.25 19.37
CA PRO B 68 -33.03 -9.50 19.57
C PRO B 68 -33.32 -10.53 18.46
N LEU B 69 -32.36 -11.42 18.24
CA LEU B 69 -32.50 -12.57 17.36
C LEU B 69 -33.73 -13.38 17.79
N LYS B 70 -34.66 -13.60 16.85
CA LYS B 70 -35.96 -14.18 17.15
C LYS B 70 -35.81 -15.55 17.81
N THR B 71 -34.85 -16.35 17.37
CA THR B 71 -34.71 -17.73 17.88
C THR B 71 -33.38 -18.05 18.54
N VAL B 72 -32.66 -17.01 18.96
CA VAL B 72 -31.43 -17.17 19.73
C VAL B 72 -31.57 -16.36 21.03
N PRO B 73 -32.17 -16.96 22.07
CA PRO B 73 -32.42 -16.13 23.25
C PRO B 73 -31.15 -15.77 24.01
N ALA B 74 -31.25 -14.71 24.78
CA ALA B 74 -30.23 -14.31 25.73
C ALA B 74 -29.85 -15.48 26.65
N GLU B 75 -28.56 -15.58 27.02
CA GLU B 75 -28.07 -16.56 27.98
C GLU B 75 -27.59 -15.90 29.24
N ASN B 76 -28.21 -16.27 30.37
CA ASN B 76 -27.87 -15.73 31.68
C ASN B 76 -26.64 -16.35 32.28
N HIS B 77 -26.31 -17.57 31.83
CA HIS B 77 -25.12 -18.28 32.31
C HIS B 77 -24.27 -18.68 31.10
N PRO B 78 -23.73 -17.67 30.38
CA PRO B 78 -22.93 -17.93 29.20
C PRO B 78 -21.52 -18.37 29.57
N THR B 79 -20.85 -19.07 28.65
CA THR B 79 -19.52 -19.61 28.91
C THR B 79 -18.43 -18.70 28.28
N GLY B 80 -18.83 -17.67 27.54
CA GLY B 80 -17.84 -16.81 26.87
C GLY B 80 -18.11 -15.33 26.99
N TYR B 81 -17.29 -14.55 26.29
CA TYR B 81 -17.51 -13.12 26.14
C TYR B 81 -17.86 -12.83 24.68
N VAL B 82 -18.87 -12.00 24.47
CA VAL B 82 -19.32 -11.69 23.12
C VAL B 82 -19.51 -10.19 22.91
N THR B 83 -19.45 -9.77 21.65
CA THR B 83 -19.88 -8.46 21.24
C THR B 83 -20.06 -8.45 19.71
N LYS B 84 -20.22 -7.27 19.12
CA LYS B 84 -20.08 -7.12 17.66
C LYS B 84 -19.03 -6.09 17.30
N LEU B 85 -18.54 -6.19 16.07
CA LEU B 85 -17.45 -5.36 15.59
C LEU B 85 -17.83 -4.66 14.29
N GLU B 86 -17.39 -3.43 14.17
CA GLU B 86 -17.73 -2.55 13.07
C GLU B 86 -16.51 -2.38 12.13
N GLU B 87 -16.78 -2.41 10.84
CA GLU B 87 -15.78 -2.31 9.81
C GLU B 87 -15.47 -0.84 9.57
N VAL B 88 -14.17 -0.51 9.52
CA VAL B 88 -13.74 0.87 9.25
C VAL B 88 -13.34 1.09 7.78
N SER B 89 -12.82 0.06 7.13
CA SER B 89 -12.40 0.15 5.71
C SER B 89 -13.57 0.42 4.78
N LEU B 90 -13.25 0.93 3.60
CA LEU B 90 -14.25 1.40 2.68
C LEU B 90 -14.72 0.35 1.68
N GLY B 91 -14.38 -0.93 1.94
CA GLY B 91 -14.86 -2.04 1.13
C GLY B 91 -15.65 -3.04 1.96
N LYS B 92 -16.49 -3.84 1.30
CA LYS B 92 -17.22 -4.93 1.98
C LYS B 92 -16.91 -6.29 1.37
N ASP B 93 -15.79 -6.34 0.67
CA ASP B 93 -15.28 -7.56 0.02
C ASP B 93 -14.49 -8.44 0.98
N THR B 94 -14.20 -9.66 0.54
CA THR B 94 -13.51 -10.67 1.41
C THR B 94 -12.10 -10.26 1.83
N MET B 95 -11.30 -9.75 0.89
CA MET B 95 -9.93 -9.35 1.21
C MET B 95 -9.89 -8.19 2.20
N THR B 96 -10.67 -7.15 1.95
CA THR B 96 -10.70 -6.00 2.85
C THR B 96 -11.04 -6.44 4.27
N GLY B 97 -12.11 -7.19 4.42
CA GLY B 97 -12.55 -7.52 5.78
C GLY B 97 -11.49 -8.34 6.52
N HIS B 98 -10.83 -9.27 5.83
CA HIS B 98 -9.76 -10.09 6.46
C HIS B 98 -8.51 -9.27 6.78
N TRP B 99 -8.09 -8.43 5.85
CA TRP B 99 -6.97 -7.55 6.14
C TRP B 99 -7.21 -6.65 7.32
N GLU B 100 -8.44 -6.15 7.48
CA GLU B 100 -8.75 -5.31 8.62
C GLU B 100 -8.80 -6.11 9.91
N ILE B 101 -9.38 -7.31 9.86
CA ILE B 101 -9.36 -8.19 11.02
C ILE B 101 -7.90 -8.38 11.49
N MET B 102 -6.94 -8.36 10.58
CA MET B 102 -5.53 -8.47 10.94
C MET B 102 -4.79 -7.12 11.08
N GLY B 103 -5.55 -6.02 11.12
CA GLY B 103 -4.98 -4.75 11.57
C GLY B 103 -4.77 -3.66 10.53
N LEU B 104 -5.20 -3.87 9.28
CA LEU B 104 -5.07 -2.85 8.25
C LEU B 104 -6.36 -2.01 8.12
N ASN B 105 -6.17 -0.72 7.82
CA ASN B 105 -7.23 0.15 7.40
C ASN B 105 -7.17 0.30 5.86
N ILE B 106 -8.13 -0.29 5.15
CA ILE B 106 -8.18 -0.18 3.71
C ILE B 106 -9.08 1.02 3.36
N THR B 107 -8.44 2.14 3.02
CA THR B 107 -9.20 3.40 2.96
C THR B 107 -9.67 3.71 1.57
N GLU B 108 -9.64 2.72 0.68
CA GLU B 108 -10.42 2.82 -0.57
C GLU B 108 -10.98 1.43 -0.89
N PRO B 109 -12.08 1.38 -1.63
CA PRO B 109 -12.52 0.04 -2.02
C PRO B 109 -11.64 -0.60 -3.12
N PHE B 110 -11.62 -1.94 -3.16
CA PHE B 110 -11.25 -2.63 -4.37
C PHE B 110 -12.39 -2.42 -5.38
N ASP B 111 -12.06 -2.57 -6.66
CA ASP B 111 -13.06 -2.35 -7.71
C ASP B 111 -13.70 -3.63 -8.21
N THR B 112 -15.01 -3.56 -8.41
CA THR B 112 -15.78 -4.66 -8.99
C THR B 112 -16.40 -4.22 -10.30
N PHE B 113 -16.76 -5.21 -11.11
CA PHE B 113 -17.06 -4.98 -12.50
C PHE B 113 -18.28 -5.80 -12.94
N TRP B 114 -19.43 -5.37 -12.41
CA TRP B 114 -20.69 -6.06 -12.68
CA TRP B 114 -20.74 -5.98 -12.67
C TRP B 114 -21.09 -6.01 -14.16
N ASN B 115 -20.57 -5.04 -14.90
CA ASN B 115 -20.86 -4.91 -16.32
C ASN B 115 -19.65 -5.29 -17.16
N GLY B 116 -18.64 -5.91 -16.54
CA GLY B 116 -17.38 -6.20 -17.22
C GLY B 116 -16.37 -5.07 -17.07
N PHE B 117 -15.15 -5.31 -17.57
CA PHE B 117 -14.05 -4.33 -17.45
C PHE B 117 -14.19 -3.24 -18.48
N PRO B 118 -13.72 -2.03 -18.16
CA PRO B 118 -13.74 -0.93 -19.10
C PRO B 118 -12.96 -1.25 -20.37
N GLU B 119 -13.43 -0.71 -21.48
CA GLU B 119 -12.73 -0.83 -22.77
C GLU B 119 -11.22 -0.51 -22.69
N GLU B 120 -10.84 0.52 -21.93
CA GLU B 120 -9.42 0.83 -21.75
C GLU B 120 -8.61 -0.36 -21.24
N ILE B 121 -9.06 -1.05 -20.20
CA ILE B 121 -8.32 -2.22 -19.73
C ILE B 121 -8.22 -3.29 -20.84
N ILE B 122 -9.36 -3.65 -21.43
CA ILE B 122 -9.38 -4.65 -22.50
C ILE B 122 -8.46 -4.31 -23.66
N SER B 123 -8.53 -3.08 -24.18
CA SER B 123 -7.71 -2.74 -25.33
C SER B 123 -6.22 -2.65 -24.99
N LYS B 124 -5.87 -2.24 -23.78
CA LYS B 124 -4.46 -2.25 -23.40
C LYS B 124 -3.89 -3.70 -23.42
N ILE B 125 -4.68 -4.65 -22.91
CA ILE B 125 -4.28 -6.07 -22.94
C ILE B 125 -4.24 -6.56 -24.36
N GLU B 126 -5.20 -6.11 -25.18
CA GLU B 126 -5.12 -6.47 -26.59
C GLU B 126 -3.84 -5.96 -27.26
N LYS B 127 -3.53 -4.66 -27.10
CA LYS B 127 -2.37 -4.09 -27.78
C LYS B 127 -1.05 -4.67 -27.25
N PHE B 128 -0.93 -4.89 -25.94
CA PHE B 128 0.29 -5.53 -25.41
C PHE B 128 0.46 -6.96 -25.94
N SER B 129 -0.65 -7.70 -25.92
CA SER B 129 -0.64 -9.14 -26.21
C SER B 129 -0.62 -9.45 -27.68
N GLY B 130 -1.29 -8.64 -28.49
CA GLY B 130 -1.48 -8.95 -29.90
C GLY B 130 -2.59 -9.93 -30.14
N ARG B 131 -3.46 -10.12 -29.16
CA ARG B 131 -4.60 -11.00 -29.25
C ARG B 131 -5.85 -10.18 -29.00
N LYS B 132 -6.90 -10.45 -29.78
CA LYS B 132 -8.21 -9.85 -29.52
C LYS B 132 -8.88 -10.53 -28.34
N VAL B 133 -9.74 -9.79 -27.63
CA VAL B 133 -10.51 -10.30 -26.50
C VAL B 133 -11.99 -10.50 -26.89
N ILE B 134 -12.63 -11.54 -26.37
CA ILE B 134 -14.03 -11.81 -26.70
C ILE B 134 -14.96 -10.97 -25.83
N ARG B 135 -15.49 -9.90 -26.40
CA ARG B 135 -16.34 -8.94 -25.65
C ARG B 135 -17.51 -9.62 -24.94
N GLU B 136 -18.07 -10.64 -25.59
CA GLU B 136 -19.24 -11.34 -25.04
C GLU B 136 -18.96 -12.03 -23.69
N ALA B 137 -17.68 -12.40 -23.45
CA ALA B 137 -17.24 -13.00 -22.18
C ALA B 137 -16.90 -11.98 -21.07
N ASN B 138 -16.74 -10.70 -21.43
CA ASN B 138 -16.32 -9.66 -20.48
C ASN B 138 -17.45 -9.25 -19.54
N LYS B 139 -17.70 -10.08 -18.53
CA LYS B 139 -18.82 -9.89 -17.60
C LYS B 139 -18.73 -10.91 -16.48
N PRO B 140 -19.48 -10.69 -15.38
CA PRO B 140 -19.51 -11.74 -14.36
C PRO B 140 -19.94 -13.05 -14.98
N TYR B 141 -19.17 -14.11 -14.72
CA TYR B 141 -19.36 -15.39 -15.40
C TYR B 141 -18.87 -16.52 -14.48
N SER B 142 -19.51 -17.68 -14.55
CA SER B 142 -18.91 -18.93 -14.05
C SER B 142 -17.74 -19.34 -14.96
N GLY B 143 -16.60 -19.67 -14.35
CA GLY B 143 -15.39 -20.09 -15.10
C GLY B 143 -15.51 -21.37 -15.93
N THR B 144 -16.40 -22.27 -15.49
CA THR B 144 -16.77 -23.46 -16.27
C THR B 144 -17.70 -23.10 -17.43
N ALA B 145 -18.74 -22.32 -17.12
CA ALA B 145 -19.73 -21.92 -18.12
C ALA B 145 -19.10 -21.06 -19.22
N VAL B 146 -18.21 -20.13 -18.84
CA VAL B 146 -17.54 -19.29 -19.84
C VAL B 146 -16.59 -20.09 -20.76
N ILE B 147 -16.04 -21.20 -20.28
CA ILE B 147 -15.20 -22.09 -21.12
C ILE B 147 -16.04 -22.93 -22.07
N ASP B 148 -17.20 -23.37 -21.61
CA ASP B 148 -18.08 -24.18 -22.46
C ASP B 148 -18.60 -23.35 -23.66
N ASP B 149 -18.94 -22.09 -23.39
CA ASP B 149 -19.56 -21.20 -24.38
C ASP B 149 -18.56 -20.67 -25.41
N PHE B 150 -17.45 -20.09 -24.96
CA PHE B 150 -16.51 -19.41 -25.88
C PHE B 150 -15.23 -20.21 -26.16
N GLY B 151 -15.09 -21.35 -25.49
CA GLY B 151 -14.00 -22.29 -25.75
C GLY B 151 -13.72 -22.61 -27.20
N PRO B 152 -14.74 -23.09 -27.95
CA PRO B 152 -14.47 -23.49 -29.33
C PRO B 152 -14.14 -22.32 -30.27
N ARG B 153 -14.70 -21.15 -29.98
CA ARG B 153 -14.39 -19.93 -30.74
C ARG B 153 -12.93 -19.57 -30.55
N GLN B 154 -12.49 -19.54 -29.28
CA GLN B 154 -11.08 -19.29 -28.96
C GLN B 154 -10.16 -20.30 -29.65
N MET B 155 -10.50 -21.58 -29.58
CA MET B 155 -9.73 -22.63 -30.25
C MET B 155 -9.64 -22.40 -31.76
N GLU B 156 -10.66 -21.77 -32.34
CA GLU B 156 -10.60 -21.35 -33.75
C GLU B 156 -9.80 -20.06 -33.95
N THR B 157 -10.08 -19.03 -33.13
CA THR B 157 -9.58 -17.67 -33.38
C THR B 157 -8.19 -17.37 -32.81
N GLY B 158 -7.96 -17.75 -31.57
CA GLY B 158 -6.75 -17.34 -30.85
C GLY B 158 -7.04 -16.19 -29.89
N GLU B 159 -8.33 -15.83 -29.80
CA GLU B 159 -8.78 -14.75 -28.91
C GLU B 159 -8.76 -15.12 -27.42
N LEU B 160 -8.51 -14.13 -26.58
CA LEU B 160 -8.49 -14.30 -25.16
C LEU B 160 -9.92 -14.25 -24.60
N ILE B 161 -10.18 -15.11 -23.62
CA ILE B 161 -11.38 -15.01 -22.82
C ILE B 161 -11.05 -14.34 -21.49
N ILE B 162 -11.72 -13.23 -21.20
CA ILE B 162 -11.51 -12.48 -19.96
C ILE B 162 -12.87 -12.26 -19.27
N TYR B 163 -12.95 -12.56 -17.97
CA TYR B 163 -14.20 -12.43 -17.22
C TYR B 163 -13.92 -12.13 -15.76
N THR B 164 -14.99 -11.89 -15.02
CA THR B 164 -14.90 -11.52 -13.61
C THR B 164 -15.96 -12.31 -12.83
N SER B 165 -16.17 -11.94 -11.57
CA SER B 165 -17.14 -12.58 -10.68
C SER B 165 -17.57 -11.54 -9.62
N ALA B 166 -18.20 -11.97 -8.52
CA ALA B 166 -18.49 -11.04 -7.39
C ALA B 166 -17.25 -10.35 -6.76
N ASP B 167 -16.11 -11.06 -6.81
CA ASP B 167 -14.85 -10.59 -6.22
C ASP B 167 -14.09 -9.65 -7.17
N PRO B 168 -13.22 -8.76 -6.63
CA PRO B 168 -12.42 -7.87 -7.49
C PRO B 168 -11.29 -8.64 -8.19
N VAL B 169 -11.70 -9.39 -9.21
CA VAL B 169 -10.86 -10.39 -9.88
C VAL B 169 -10.97 -10.24 -11.40
N LEU B 170 -9.84 -10.43 -12.10
CA LEU B 170 -9.82 -10.57 -13.56
C LEU B 170 -9.27 -11.94 -13.88
N GLN B 171 -10.03 -12.74 -14.64
CA GLN B 171 -9.59 -14.09 -15.01
C GLN B 171 -9.43 -14.22 -16.49
N ILE B 172 -8.34 -14.88 -16.91
CA ILE B 172 -8.07 -15.05 -18.32
C ILE B 172 -8.05 -16.53 -18.68
N ALA B 173 -9.08 -16.98 -19.38
CA ALA B 173 -9.22 -18.38 -19.74
C ALA B 173 -8.56 -18.65 -21.08
N ALA B 174 -7.86 -19.78 -21.21
CA ALA B 174 -6.96 -19.99 -22.35
C ALA B 174 -6.53 -21.46 -22.54
N HIS B 175 -6.81 -22.01 -23.72
CA HIS B 175 -6.45 -23.39 -24.05
C HIS B 175 -4.95 -23.59 -24.21
N GLU B 176 -4.39 -24.49 -23.40
CA GLU B 176 -2.93 -24.69 -23.33
C GLU B 176 -2.28 -24.94 -24.68
N ASP B 177 -2.97 -25.67 -25.55
CA ASP B 177 -2.45 -26.00 -26.86
C ASP B 177 -2.51 -24.83 -27.88
N VAL B 178 -3.37 -23.84 -27.63
CA VAL B 178 -3.51 -22.66 -28.52
C VAL B 178 -2.70 -21.45 -28.03
N ILE B 179 -2.77 -21.17 -26.74
CA ILE B 179 -1.98 -20.10 -26.13
C ILE B 179 -1.00 -20.72 -25.13
N PRO B 180 0.30 -20.84 -25.49
CA PRO B 180 1.28 -21.46 -24.61
C PRO B 180 1.27 -20.84 -23.22
N LEU B 181 1.41 -21.67 -22.19
CA LEU B 181 1.32 -21.25 -20.81
C LEU B 181 2.16 -20.03 -20.46
N ASP B 182 3.39 -20.00 -20.97
CA ASP B 182 4.32 -18.89 -20.75
C ASP B 182 3.73 -17.56 -21.25
N GLU B 183 3.14 -17.59 -22.44
CA GLU B 183 2.48 -16.40 -22.98
C GLU B 183 1.28 -16.05 -22.12
N LEU B 184 0.46 -17.04 -21.79
CA LEU B 184 -0.66 -16.80 -20.91
C LEU B 184 -0.17 -16.11 -19.64
N TYR B 185 0.90 -16.63 -19.05
CA TYR B 185 1.43 -16.10 -17.78
C TYR B 185 1.92 -14.64 -17.94
N ARG B 186 2.68 -14.43 -19.01
CA ARG B 186 3.16 -13.11 -19.42
C ARG B 186 1.97 -12.14 -19.55
N ILE B 187 0.94 -12.57 -20.27
CA ILE B 187 -0.25 -11.73 -20.42
C ILE B 187 -0.86 -11.39 -19.05
N CYS B 188 -0.99 -12.38 -18.17
CA CYS B 188 -1.56 -12.15 -16.85
C CYS B 188 -0.71 -11.15 -16.04
N GLU B 189 0.61 -11.30 -16.17
CA GLU B 189 1.57 -10.38 -15.52
C GLU B 189 1.37 -8.96 -15.98
N TYR B 190 1.20 -8.77 -17.30
CA TYR B 190 0.87 -7.45 -17.80
C TYR B 190 -0.44 -6.92 -17.21
N ALA B 191 -1.52 -7.72 -17.21
CA ALA B 191 -2.81 -7.30 -16.63
C ALA B 191 -2.65 -6.91 -15.17
N ARG B 192 -1.90 -7.71 -14.45
CA ARG B 192 -1.58 -7.44 -13.06
C ARG B 192 -0.96 -6.04 -12.93
N SER B 193 -0.03 -5.72 -13.82
CA SER B 193 0.67 -4.43 -13.76
C SER B 193 -0.18 -3.19 -14.01
N ILE B 194 -1.34 -3.34 -14.68
CA ILE B 194 -2.20 -2.19 -14.99
C ILE B 194 -3.48 -2.13 -14.16
N THR B 195 -3.59 -2.99 -13.14
CA THR B 195 -4.75 -3.04 -12.31
C THR B 195 -4.34 -2.78 -10.86
N LEU B 196 -3.44 -1.82 -10.67
CA LEU B 196 -2.87 -1.51 -9.34
C LEU B 196 -3.50 -0.28 -8.71
N GLU B 197 -4.39 0.37 -9.46
CA GLU B 197 -4.95 1.66 -9.08
C GLU B 197 -6.43 1.77 -9.42
N ARG B 198 -7.21 2.32 -8.49
CA ARG B 198 -8.58 2.72 -8.81
C ARG B 198 -8.50 3.65 -10.01
N PRO B 199 -9.45 3.55 -10.95
CA PRO B 199 -10.68 2.79 -10.88
C PRO B 199 -10.60 1.34 -11.41
N ALA B 200 -9.39 0.76 -11.50
CA ALA B 200 -9.25 -0.66 -11.84
C ALA B 200 -8.30 -1.35 -10.86
N LEU B 201 -8.61 -1.26 -9.56
CA LEU B 201 -7.81 -1.85 -8.49
C LEU B 201 -8.39 -3.23 -8.26
N LEU B 202 -7.65 -4.26 -8.66
CA LEU B 202 -8.11 -5.62 -8.59
C LEU B 202 -7.30 -6.37 -7.56
N GLY B 203 -7.97 -7.28 -6.85
CA GLY B 203 -7.29 -8.10 -5.82
C GLY B 203 -6.43 -9.18 -6.45
N ARG B 204 -6.95 -9.86 -7.46
CA ARG B 204 -6.13 -10.79 -8.20
C ARG B 204 -6.46 -10.94 -9.66
N ILE B 205 -5.41 -11.25 -10.41
CA ILE B 205 -5.50 -11.76 -11.75
C ILE B 205 -5.34 -13.26 -11.62
N ILE B 206 -6.15 -14.01 -12.34
CA ILE B 206 -6.03 -15.46 -12.34
C ILE B 206 -5.88 -15.99 -13.74
N ALA B 207 -4.76 -16.66 -14.02
CA ALA B 207 -4.62 -17.45 -15.24
C ALA B 207 -5.42 -18.75 -15.11
N ARG B 208 -6.13 -19.12 -16.17
CA ARG B 208 -7.03 -20.26 -16.15
C ARG B 208 -6.85 -21.06 -17.40
N PRO B 209 -5.73 -21.77 -17.50
CA PRO B 209 -5.54 -22.60 -18.65
C PRO B 209 -6.48 -23.78 -18.60
N TYR B 210 -6.88 -24.30 -19.74
CA TYR B 210 -7.66 -25.54 -19.79
C TYR B 210 -7.14 -26.39 -20.91
N VAL B 211 -7.59 -27.64 -20.95
CA VAL B 211 -7.33 -28.55 -22.06
C VAL B 211 -8.60 -29.34 -22.36
N GLY B 212 -8.61 -30.01 -23.50
CA GLY B 212 -9.74 -30.81 -23.93
C GLY B 212 -10.23 -30.44 -25.32
N LYS B 213 -11.45 -30.89 -25.64
CA LYS B 213 -12.13 -30.58 -26.89
C LYS B 213 -13.53 -30.13 -26.48
N PRO B 214 -14.37 -29.66 -27.45
CA PRO B 214 -15.69 -29.20 -26.98
C PRO B 214 -16.48 -30.32 -26.30
N ARG B 215 -17.25 -29.94 -25.29
CA ARG B 215 -18.03 -30.88 -24.47
C ARG B 215 -17.21 -31.51 -23.32
N ASN B 216 -15.90 -31.73 -23.53
CA ASN B 216 -15.03 -32.28 -22.47
C ASN B 216 -13.82 -31.39 -22.09
N PHE B 217 -14.07 -30.31 -21.34
CA PHE B 217 -13.02 -29.35 -20.96
C PHE B 217 -12.60 -29.49 -19.50
N THR B 218 -11.29 -29.58 -19.25
CA THR B 218 -10.77 -29.61 -17.88
C THR B 218 -9.86 -28.43 -17.59
N ARG B 219 -10.21 -27.62 -16.60
CA ARG B 219 -9.37 -26.52 -16.19
C ARG B 219 -8.13 -27.07 -15.41
N THR B 220 -6.93 -26.93 -15.96
CA THR B 220 -5.74 -27.57 -15.35
C THR B 220 -5.13 -26.85 -14.14
N ALA B 221 -4.27 -27.60 -13.44
CA ALA B 221 -3.59 -27.12 -12.24
C ALA B 221 -2.51 -26.11 -12.59
N ASN B 222 -2.27 -25.91 -13.89
CA ASN B 222 -1.36 -24.88 -14.39
C ASN B 222 -1.86 -23.44 -14.21
N ARG B 223 -3.07 -23.30 -13.66
CA ARG B 223 -3.55 -22.08 -13.05
C ARG B 223 -2.44 -21.41 -12.23
N HIS B 224 -2.37 -20.08 -12.32
CA HIS B 224 -1.39 -19.26 -11.61
C HIS B 224 -2.20 -18.10 -11.20
N ASP B 225 -1.92 -17.60 -10.01
CA ASP B 225 -2.60 -16.46 -9.48
C ASP B 225 -1.62 -15.34 -9.28
N TYR B 226 -2.12 -14.11 -9.37
CA TYR B 226 -1.29 -12.92 -9.21
C TYR B 226 -2.05 -12.02 -8.28
N ALA B 227 -1.84 -12.28 -6.98
CA ALA B 227 -2.60 -11.68 -5.92
C ALA B 227 -1.88 -10.46 -5.39
N LEU B 228 -2.63 -9.43 -4.94
CA LEU B 228 -2.02 -8.39 -4.13
C LEU B 228 -1.75 -8.91 -2.71
N SER B 229 -0.55 -8.64 -2.23
CA SER B 229 -0.19 -8.76 -0.81
C SER B 229 -0.71 -7.57 -0.06
N PRO B 230 -1.00 -7.75 1.24
CA PRO B 230 -1.29 -6.64 2.14
C PRO B 230 -0.23 -5.53 2.02
N PHE B 231 -0.67 -4.29 1.91
CA PHE B 231 0.24 -3.17 1.52
C PHE B 231 1.03 -2.62 2.73
N ALA B 232 0.78 -3.17 3.91
CA ALA B 232 1.60 -2.91 5.08
C ALA B 232 1.63 -4.19 5.89
N PRO B 233 2.58 -4.32 6.80
CA PRO B 233 2.61 -5.44 7.72
C PRO B 233 1.27 -5.60 8.46
N THR B 234 0.74 -6.82 8.53
CA THR B 234 -0.42 -7.12 9.37
C THR B 234 0.07 -7.76 10.69
N VAL B 235 -0.84 -8.08 11.59
CA VAL B 235 -0.46 -8.81 12.79
C VAL B 235 0.10 -10.23 12.44
N LEU B 236 -0.25 -10.79 11.30
CA LEU B 236 0.37 -12.05 10.88
C LEU B 236 1.86 -11.84 10.74
N ASN B 237 2.25 -10.78 10.05
CA ASN B 237 3.68 -10.46 9.89
C ASN B 237 4.41 -10.19 11.22
N LYS B 238 3.75 -9.44 12.11
CA LYS B 238 4.32 -9.17 13.43
C LYS B 238 4.62 -10.46 14.18
N LEU B 239 3.67 -11.40 14.12
CA LEU B 239 3.81 -12.70 14.74
C LEU B 239 4.91 -13.51 14.07
N ALA B 240 4.85 -13.68 12.75
CA ALA B 240 5.85 -14.49 12.04
C ALA B 240 7.28 -13.95 12.27
N ASP B 241 7.47 -12.62 12.14
CA ASP B 241 8.80 -12.02 12.34
C ASP B 241 9.31 -12.19 13.73
N ALA B 242 8.41 -12.35 14.69
CA ALA B 242 8.80 -12.54 16.06
C ALA B 242 9.04 -14.02 16.41
N GLY B 243 8.88 -14.94 15.45
CA GLY B 243 9.07 -16.38 15.71
C GLY B 243 7.81 -17.13 16.17
N VAL B 244 6.64 -16.48 16.07
CA VAL B 244 5.41 -17.12 16.52
C VAL B 244 4.74 -17.80 15.32
N SER B 245 4.35 -19.06 15.49
CA SER B 245 3.65 -19.84 14.44
C SER B 245 2.30 -19.22 14.00
N THR B 246 2.08 -19.19 12.67
CA THR B 246 0.84 -18.73 12.09
C THR B 246 0.33 -19.82 11.15
N TYR B 247 -0.70 -20.52 11.59
CA TYR B 247 -1.31 -21.59 10.82
C TYR B 247 -2.54 -21.03 10.14
N ALA B 248 -2.68 -21.36 8.85
CA ALA B 248 -3.78 -20.92 8.02
C ALA B 248 -4.55 -22.11 7.47
N VAL B 249 -5.88 -22.00 7.51
CA VAL B 249 -6.80 -23.03 7.01
C VAL B 249 -7.83 -22.41 6.12
N GLY B 250 -7.98 -22.98 4.94
CA GLY B 250 -8.97 -22.49 4.01
C GLY B 250 -8.42 -21.45 3.03
N LYS B 251 -9.22 -20.40 2.79
CA LYS B 251 -8.89 -19.33 1.86
C LYS B 251 -7.85 -18.39 2.48
N ILE B 252 -7.55 -18.57 3.76
CA ILE B 252 -6.72 -17.63 4.50
C ILE B 252 -5.40 -17.33 3.78
N ASN B 253 -4.65 -18.37 3.42
CA ASN B 253 -3.36 -18.12 2.77
C ASN B 253 -3.50 -17.30 1.48
N ASP B 254 -4.43 -17.66 0.62
CA ASP B 254 -4.65 -16.94 -0.64
C ASP B 254 -5.02 -15.46 -0.38
N ILE B 255 -5.88 -15.22 0.60
CA ILE B 255 -6.36 -13.86 0.92
C ILE B 255 -5.20 -12.92 1.27
N PHE B 256 -4.22 -13.45 1.98
CA PHE B 256 -3.03 -12.70 2.37
C PHE B 256 -1.83 -12.92 1.45
N ASN B 257 -2.05 -13.63 0.35
CA ASN B 257 -1.00 -13.96 -0.61
C ASN B 257 0.20 -14.58 0.08
N GLY B 258 -0.04 -15.41 1.11
CA GLY B 258 1.05 -16.04 1.89
C GLY B 258 1.74 -15.17 2.90
N SER B 259 1.39 -13.88 2.95
CA SER B 259 2.16 -12.92 3.76
C SER B 259 1.96 -13.12 5.28
N GLY B 260 3.07 -13.34 5.96
CA GLY B 260 3.07 -13.66 7.39
C GLY B 260 2.51 -15.01 7.80
N ILE B 261 2.38 -15.94 6.84
CA ILE B 261 1.83 -17.28 7.12
C ILE B 261 2.97 -18.31 7.13
N THR B 262 3.23 -18.93 8.28
CA THR B 262 4.33 -19.88 8.39
C THR B 262 3.89 -21.30 8.05
N ASN B 263 2.61 -21.63 8.26
CA ASN B 263 2.10 -22.98 8.02
C ASN B 263 0.74 -22.93 7.37
N ASP B 264 0.74 -22.98 6.05
CA ASP B 264 -0.50 -23.03 5.33
C ASP B 264 -0.98 -24.49 5.32
N MET B 265 -2.21 -24.71 5.78
CA MET B 265 -2.79 -26.06 5.78
C MET B 265 -3.64 -26.29 4.56
N GLY B 266 -3.79 -25.25 3.73
CA GLY B 266 -4.38 -25.44 2.39
C GLY B 266 -5.89 -25.22 2.33
N HIS B 267 -6.45 -25.35 1.12
CA HIS B 267 -7.87 -25.08 0.87
C HIS B 267 -8.82 -26.12 1.50
N ASN B 268 -10.03 -25.68 1.80
CA ASN B 268 -11.11 -26.56 2.26
C ASN B 268 -11.87 -27.10 1.08
N LYS B 269 -12.26 -28.36 1.19
CA LYS B 269 -13.17 -28.96 0.24
C LYS B 269 -14.60 -28.60 0.59
N SER B 270 -14.85 -28.35 1.88
CA SER B 270 -16.15 -27.99 2.41
C SER B 270 -15.91 -27.42 3.83
N ASN B 271 -16.92 -26.74 4.38
CA ASN B 271 -16.82 -26.26 5.77
C ASN B 271 -16.47 -27.40 6.73
N SER B 272 -17.14 -28.54 6.59
CA SER B 272 -16.85 -29.69 7.45
C SER B 272 -15.41 -30.18 7.29
N HIS B 273 -14.89 -30.28 6.07
CA HIS B 273 -13.50 -30.68 5.89
C HIS B 273 -12.55 -29.63 6.44
N GLY B 274 -12.98 -28.37 6.43
CA GLY B 274 -12.22 -27.26 7.05
C GLY B 274 -12.16 -27.37 8.56
N VAL B 275 -13.30 -27.67 9.19
CA VAL B 275 -13.28 -27.89 10.63
C VAL B 275 -12.40 -29.14 10.96
N ASP B 276 -12.44 -30.16 10.11
CA ASP B 276 -11.54 -31.30 10.26
C ASP B 276 -10.09 -30.88 10.27
N THR B 277 -9.73 -30.06 9.29
CA THR B 277 -8.36 -29.62 9.18
C THR B 277 -7.98 -28.80 10.44
N LEU B 278 -8.86 -27.91 10.88
CA LEU B 278 -8.56 -27.09 12.07
C LEU B 278 -8.30 -27.97 13.30
N ILE B 279 -9.19 -28.93 13.55
CA ILE B 279 -9.03 -29.83 14.68
C ILE B 279 -7.74 -30.63 14.56
N LYS B 280 -7.44 -31.15 13.37
CA LYS B 280 -6.15 -31.85 13.17
C LYS B 280 -4.94 -30.94 13.47
N THR B 281 -5.01 -29.71 12.95
CA THR B 281 -3.96 -28.72 13.23
C THR B 281 -3.79 -28.43 14.73
N MET B 282 -4.90 -28.23 15.45
CA MET B 282 -4.88 -28.03 16.91
C MET B 282 -4.25 -29.26 17.60
N GLY B 283 -4.47 -30.43 17.01
CA GLY B 283 -3.86 -31.67 17.51
C GLY B 283 -2.36 -31.86 17.29
N LEU B 284 -1.71 -31.07 16.43
CA LEU B 284 -0.29 -31.30 16.11
C LEU B 284 0.66 -31.09 17.30
N SER B 285 1.59 -32.02 17.51
CA SER B 285 2.63 -31.88 18.56
C SER B 285 3.49 -30.67 18.33
N ALA B 286 3.80 -30.43 17.06
CA ALA B 286 4.53 -29.26 16.60
C ALA B 286 3.90 -27.91 17.00
N PHE B 287 2.56 -27.85 17.11
CA PHE B 287 1.85 -26.58 17.39
C PHE B 287 1.64 -26.36 18.89
N THR B 288 2.70 -25.98 19.59
CA THR B 288 2.67 -25.78 21.03
C THR B 288 2.45 -24.32 21.44
N LYS B 289 2.56 -23.39 20.51
CA LYS B 289 2.38 -21.96 20.82
C LYS B 289 2.03 -21.23 19.52
N GLY B 290 1.13 -20.26 19.58
CA GLY B 290 0.91 -19.39 18.42
C GLY B 290 -0.52 -19.31 17.93
N PHE B 291 -0.67 -18.98 16.65
CA PHE B 291 -1.91 -18.49 16.08
C PHE B 291 -2.38 -19.37 14.93
N SER B 292 -3.63 -19.81 14.97
CA SER B 292 -4.31 -20.44 13.85
C SER B 292 -5.44 -19.55 13.35
N PHE B 293 -5.61 -19.55 12.03
CA PHE B 293 -6.54 -18.64 11.38
C PHE B 293 -7.27 -19.45 10.32
N THR B 294 -8.59 -19.59 10.51
CA THR B 294 -9.43 -20.43 9.69
C THR B 294 -10.57 -19.66 9.09
N ASN B 295 -10.83 -19.93 7.82
CA ASN B 295 -11.98 -19.40 7.14
C ASN B 295 -12.87 -20.52 6.67
N LEU B 296 -14.15 -20.45 7.05
CA LEU B 296 -15.16 -21.40 6.62
C LEU B 296 -16.06 -20.61 5.69
N VAL B 297 -15.97 -20.92 4.39
CA VAL B 297 -16.46 -20.03 3.35
C VAL B 297 -17.87 -20.35 2.87
N ASP B 298 -18.43 -21.51 3.20
CA ASP B 298 -19.63 -21.98 2.49
C ASP B 298 -20.83 -21.05 2.71
N PHE B 299 -20.91 -20.40 3.87
CA PHE B 299 -22.02 -19.50 4.16
C PHE B 299 -22.11 -18.46 3.06
N ASP B 300 -20.96 -17.90 2.67
CA ASP B 300 -20.91 -16.87 1.62
C ASP B 300 -21.09 -17.47 0.21
N ALA B 301 -20.27 -18.47 -0.09
CA ALA B 301 -20.13 -19.01 -1.44
C ALA B 301 -21.40 -19.67 -1.94
N LEU B 302 -22.02 -20.47 -1.10
CA LEU B 302 -23.13 -21.29 -1.56
C LEU B 302 -24.51 -20.73 -1.21
N TYR B 303 -24.61 -19.92 -0.17
CA TYR B 303 -25.93 -19.57 0.42
C TYR B 303 -26.22 -18.06 0.38
N GLY B 304 -25.31 -17.25 0.88
CA GLY B 304 -25.50 -15.77 0.84
C GLY B 304 -25.65 -15.25 -0.59
N HIS B 305 -24.64 -15.50 -1.43
CA HIS B 305 -24.65 -15.04 -2.81
C HIS B 305 -25.87 -15.60 -3.58
N ARG B 306 -26.29 -16.80 -3.25
CA ARG B 306 -27.45 -17.40 -3.93
C ARG B 306 -28.80 -17.05 -3.28
N ARG B 307 -28.79 -16.20 -2.26
CA ARG B 307 -29.99 -15.83 -1.50
C ARG B 307 -30.82 -17.05 -1.12
N ASN B 308 -30.14 -18.01 -0.52
CA ASN B 308 -30.79 -19.22 -0.04
C ASN B 308 -30.73 -19.23 1.48
N ALA B 309 -31.79 -18.76 2.12
CA ALA B 309 -31.85 -18.66 3.59
C ALA B 309 -31.93 -19.99 4.31
N HIS B 310 -32.69 -20.92 3.74
CA HIS B 310 -32.84 -22.27 4.29
C HIS B 310 -31.46 -22.94 4.33
N GLY B 311 -30.74 -22.91 3.22
CA GLY B 311 -29.40 -23.49 3.15
C GLY B 311 -28.43 -22.78 4.09
N TYR B 312 -28.54 -21.45 4.18
CA TYR B 312 -27.68 -20.69 5.08
C TYR B 312 -27.93 -21.16 6.53
N ARG B 313 -29.20 -21.27 6.91
CA ARG B 313 -29.54 -21.73 8.25
C ARG B 313 -28.94 -23.11 8.50
N ASP B 314 -29.13 -24.04 7.56
CA ASP B 314 -28.59 -25.40 7.74
C ASP B 314 -27.06 -25.37 7.92
N CYS B 315 -26.39 -24.53 7.14
CA CYS B 315 -24.94 -24.41 7.20
C CYS B 315 -24.47 -23.93 8.60
N LEU B 316 -25.21 -22.98 9.18
CA LEU B 316 -24.95 -22.48 10.51
C LEU B 316 -25.21 -23.53 11.57
N HIS B 317 -26.32 -24.25 11.44
CA HIS B 317 -26.63 -25.35 12.36
C HIS B 317 -25.53 -26.45 12.32
N GLU B 318 -25.02 -26.75 11.12
CA GLU B 318 -24.02 -27.79 10.94
C GLU B 318 -22.71 -27.35 11.62
N PHE B 319 -22.28 -26.10 11.43
CA PHE B 319 -21.12 -25.57 12.16
C PHE B 319 -21.37 -25.62 13.70
N ASP B 320 -22.53 -25.15 14.14
CA ASP B 320 -22.84 -25.18 15.56
C ASP B 320 -22.81 -26.61 16.11
N GLU B 321 -23.25 -27.56 15.29
CA GLU B 321 -23.16 -28.98 15.67
C GLU B 321 -21.72 -29.41 15.84
N ARG B 322 -20.80 -28.81 15.07
CA ARG B 322 -19.42 -29.29 15.14
C ARG B 322 -18.57 -28.55 16.14
N LEU B 323 -19.14 -27.47 16.68
CA LEU B 323 -18.40 -26.58 17.56
C LEU B 323 -17.88 -27.29 18.81
N PRO B 324 -18.68 -28.21 19.38
CA PRO B 324 -18.14 -28.88 20.53
C PRO B 324 -16.87 -29.70 20.24
N GLU B 325 -16.71 -30.24 19.04
CA GLU B 325 -15.44 -30.93 18.70
C GLU B 325 -14.28 -29.94 18.63
N ILE B 326 -14.52 -28.73 18.13
CA ILE B 326 -13.48 -27.73 18.10
C ILE B 326 -13.04 -27.43 19.54
N ILE B 327 -14.01 -27.12 20.39
CA ILE B 327 -13.75 -26.84 21.81
C ILE B 327 -13.04 -28.02 22.52
N ALA B 328 -13.49 -29.25 22.28
CA ALA B 328 -12.86 -30.46 22.83
C ALA B 328 -11.39 -30.59 22.43
N ALA B 329 -10.97 -29.97 21.33
CA ALA B 329 -9.59 -30.05 20.86
C ALA B 329 -8.73 -28.92 21.45
N MET B 330 -9.35 -27.97 22.12
CA MET B 330 -8.62 -26.89 22.78
C MET B 330 -7.77 -27.42 23.92
N LYS B 331 -6.58 -26.84 24.13
CA LYS B 331 -5.86 -26.96 25.40
C LYS B 331 -6.42 -25.92 26.39
N VAL B 332 -6.21 -26.11 27.68
CA VAL B 332 -6.78 -25.22 28.71
C VAL B 332 -6.46 -23.72 28.56
N ASP B 333 -5.27 -23.41 28.05
CA ASP B 333 -4.82 -22.03 27.89
C ASP B 333 -4.85 -21.59 26.44
N ASP B 334 -5.76 -22.20 25.67
CA ASP B 334 -6.08 -21.72 24.32
C ASP B 334 -7.24 -20.77 24.41
N LEU B 335 -7.28 -19.81 23.47
CA LEU B 335 -8.44 -18.94 23.28
C LEU B 335 -9.04 -19.22 21.92
N LEU B 336 -10.37 -19.29 21.84
CA LEU B 336 -11.06 -19.46 20.56
C LEU B 336 -11.81 -18.17 20.28
N LEU B 337 -11.69 -17.65 19.06
CA LEU B 337 -12.39 -16.45 18.67
C LEU B 337 -13.16 -16.79 17.40
N ILE B 338 -14.44 -16.45 17.34
CA ILE B 338 -15.29 -16.68 16.15
C ILE B 338 -15.86 -15.33 15.69
N THR B 339 -15.77 -15.04 14.40
CA THR B 339 -16.20 -13.73 13.90
C THR B 339 -16.62 -13.90 12.45
N ALA B 340 -16.88 -12.80 11.77
CA ALA B 340 -17.15 -12.83 10.34
C ALA B 340 -16.43 -11.61 9.72
N ASP B 341 -16.44 -11.55 8.39
CA ASP B 341 -15.74 -10.47 7.63
C ASP B 341 -16.60 -9.39 6.99
N HIS B 342 -17.92 -9.65 6.97
CA HIS B 342 -18.95 -8.78 6.40
C HIS B 342 -20.26 -9.56 6.57
N GLY B 343 -21.34 -9.04 6.03
CA GLY B 343 -22.58 -9.78 5.97
C GLY B 343 -22.85 -10.29 4.55
N ASN B 344 -23.85 -11.14 4.43
CA ASN B 344 -24.33 -11.53 3.13
C ASN B 344 -25.72 -12.07 3.33
N ASP B 345 -26.67 -11.12 3.46
CA ASP B 345 -28.03 -11.42 3.90
C ASP B 345 -28.83 -12.15 2.81
N PRO B 346 -29.21 -13.43 3.09
CA PRO B 346 -29.82 -14.23 2.02
C PRO B 346 -31.26 -13.87 1.76
N THR B 347 -31.80 -12.96 2.57
CA THR B 347 -33.13 -12.43 2.38
C THR B 347 -33.22 -11.09 1.64
N TYR B 348 -32.07 -10.53 1.22
CA TYR B 348 -31.97 -9.18 0.69
C TYR B 348 -32.04 -9.17 -0.84
N ALA B 349 -32.39 -8.01 -1.39
CA ALA B 349 -32.21 -7.73 -2.82
C ALA B 349 -30.73 -7.92 -3.22
N GLY B 350 -30.48 -7.98 -4.53
CA GLY B 350 -29.11 -8.12 -5.05
C GLY B 350 -28.59 -9.54 -4.80
N THR B 351 -27.31 -9.73 -5.05
CA THR B 351 -26.64 -11.02 -4.80
C THR B 351 -25.27 -10.81 -4.23
N ASP B 352 -25.00 -9.65 -3.63
CA ASP B 352 -23.68 -9.28 -3.16
C ASP B 352 -23.67 -9.29 -1.65
N HIS B 353 -22.48 -9.16 -1.08
CA HIS B 353 -22.29 -8.98 0.34
C HIS B 353 -23.12 -7.77 0.79
N THR B 354 -23.38 -7.74 2.07
CA THR B 354 -24.03 -6.62 2.73
C THR B 354 -23.15 -6.06 3.84
N ARG B 355 -23.18 -4.74 3.94
CA ARG B 355 -22.39 -4.01 4.92
C ARG B 355 -22.99 -4.10 6.33
N GLU B 356 -22.40 -4.97 7.15
CA GLU B 356 -22.93 -5.28 8.48
C GLU B 356 -21.87 -5.31 9.56
N TYR B 357 -22.32 -5.11 10.78
CA TYR B 357 -21.54 -5.50 11.94
C TYR B 357 -21.31 -7.02 11.85
N VAL B 358 -20.23 -7.49 12.48
CA VAL B 358 -19.95 -8.91 12.59
C VAL B 358 -19.93 -9.34 14.05
N PRO B 359 -20.43 -10.54 14.35
CA PRO B 359 -20.32 -11.06 15.73
C PRO B 359 -18.87 -11.38 16.13
N LEU B 360 -18.63 -11.35 17.43
CA LEU B 360 -17.41 -11.78 18.01
C LEU B 360 -17.79 -12.66 19.18
N LEU B 361 -17.36 -13.92 19.14
CA LEU B 361 -17.54 -14.85 20.26
C LEU B 361 -16.14 -15.25 20.73
N ALA B 362 -15.87 -15.12 22.02
CA ALA B 362 -14.59 -15.53 22.62
C ALA B 362 -14.81 -16.62 23.70
N TYR B 363 -14.00 -17.66 23.68
CA TYR B 363 -14.07 -18.72 24.68
C TYR B 363 -12.69 -19.30 25.00
N SER B 364 -12.45 -19.54 26.30
CA SER B 364 -11.29 -20.30 26.72
C SER B 364 -11.69 -21.13 27.94
N PRO B 365 -11.11 -22.33 28.08
CA PRO B 365 -11.38 -23.07 29.29
C PRO B 365 -10.83 -22.38 30.53
N SER B 366 -9.90 -21.43 30.35
CA SER B 366 -9.27 -20.70 31.46
C SER B 366 -10.07 -19.51 31.97
N PHE B 367 -11.14 -19.14 31.27
CA PHE B 367 -11.97 -18.03 31.70
C PHE B 367 -12.51 -18.20 33.15
N THR B 368 -12.45 -17.12 33.92
CA THR B 368 -13.10 -17.07 35.23
C THR B 368 -14.30 -16.13 35.19
N GLY B 369 -14.51 -15.48 34.05
CA GLY B 369 -15.70 -14.67 33.88
C GLY B 369 -16.33 -14.89 32.51
N ASN B 370 -17.40 -14.16 32.24
CA ASN B 370 -18.15 -14.30 30.99
C ASN B 370 -19.16 -13.16 30.87
N GLY B 371 -19.80 -13.04 29.70
CA GLY B 371 -20.75 -11.96 29.44
C GLY B 371 -20.51 -11.17 28.14
N VAL B 372 -20.71 -9.85 28.22
CA VAL B 372 -20.76 -8.98 27.04
C VAL B 372 -19.64 -7.92 27.09
N LEU B 373 -18.99 -7.68 25.95
CA LEU B 373 -17.97 -6.64 25.83
C LEU B 373 -18.54 -5.42 25.08
N PRO B 374 -17.97 -4.23 25.30
CA PRO B 374 -18.30 -3.08 24.46
C PRO B 374 -18.15 -3.35 22.96
N VAL B 375 -19.07 -2.80 22.18
CA VAL B 375 -19.07 -2.91 20.74
C VAL B 375 -17.76 -2.31 20.25
N GLY B 376 -17.06 -3.02 19.35
CA GLY B 376 -15.76 -2.51 18.88
C GLY B 376 -15.61 -2.44 17.35
N HIS B 377 -14.39 -2.63 16.89
CA HIS B 377 -14.01 -2.59 15.46
C HIS B 377 -13.23 -3.85 15.07
N TYR B 378 -13.31 -4.23 13.80
CA TYR B 378 -12.70 -5.46 13.27
C TYR B 378 -11.26 -5.64 13.76
N ALA B 379 -10.47 -4.57 13.65
CA ALA B 379 -9.02 -4.62 13.95
C ALA B 379 -8.67 -4.87 15.42
N ASP B 380 -9.65 -4.75 16.31
CA ASP B 380 -9.43 -5.05 17.72
C ASP B 380 -9.09 -6.51 17.92
N ILE B 381 -9.54 -7.37 17.00
CA ILE B 381 -9.10 -8.73 17.00
C ILE B 381 -7.57 -8.84 16.82
N SER B 382 -7.05 -8.26 15.75
CA SER B 382 -5.60 -8.21 15.54
C SER B 382 -4.88 -7.60 16.77
N ALA B 383 -5.39 -6.49 17.33
CA ALA B 383 -4.66 -5.81 18.46
C ALA B 383 -4.62 -6.70 19.71
N THR B 384 -5.68 -7.46 19.92
CA THR B 384 -5.80 -8.43 21.03
C THR B 384 -4.78 -9.58 20.93
N ILE B 385 -4.62 -10.14 19.73
CA ILE B 385 -3.68 -11.21 19.42
C ILE B 385 -2.25 -10.69 19.55
N ALA B 386 -2.03 -9.45 19.09
CA ALA B 386 -0.74 -8.79 19.21
C ALA B 386 -0.36 -8.64 20.67
N ASP B 387 -1.28 -8.07 21.44
CA ASP B 387 -1.13 -7.88 22.88
C ASP B 387 -0.73 -9.21 23.54
N ASN B 388 -1.51 -10.25 23.23
CA ASN B 388 -1.32 -11.54 23.80
C ASN B 388 0.10 -12.08 23.58
N PHE B 389 0.61 -11.95 22.36
CA PHE B 389 1.89 -12.54 22.00
C PHE B 389 3.06 -11.58 22.11
N GLY B 390 2.79 -10.39 22.66
CA GLY B 390 3.82 -9.42 22.92
C GLY B 390 4.47 -8.88 21.67
N VAL B 391 3.69 -8.73 20.59
CA VAL B 391 4.18 -8.09 19.37
C VAL B 391 3.41 -6.78 19.10
N ASP B 392 3.91 -5.97 18.17
CA ASP B 392 3.29 -4.68 17.85
C ASP B 392 1.97 -4.85 17.10
N THR B 393 1.16 -3.83 17.18
CA THR B 393 -0.07 -3.76 16.41
C THR B 393 0.30 -3.33 14.99
N ALA B 394 -0.66 -3.44 14.09
CA ALA B 394 -0.44 -3.04 12.71
C ALA B 394 -0.89 -1.59 12.58
N MET B 395 -1.86 -1.29 11.73
CA MET B 395 -2.25 0.10 11.48
C MET B 395 -3.25 0.60 12.50
N ILE B 396 -4.27 -0.23 12.78
CA ILE B 396 -5.40 0.15 13.62
C ILE B 396 -5.79 -1.02 14.53
N GLY B 397 -6.62 -0.73 15.55
CA GLY B 397 -7.21 -1.71 16.46
C GLY B 397 -6.75 -1.51 17.90
N GLU B 398 -7.58 -1.90 18.86
CA GLU B 398 -7.29 -1.73 20.28
C GLU B 398 -7.62 -3.05 20.95
N SER B 399 -6.66 -3.56 21.70
CA SER B 399 -6.81 -4.81 22.41
C SER B 399 -7.98 -4.81 23.39
N PHE B 400 -8.71 -5.92 23.41
CA PHE B 400 -9.63 -6.20 24.50
C PHE B 400 -9.15 -7.36 25.39
N LEU B 401 -7.86 -7.70 25.33
CA LEU B 401 -7.31 -8.86 26.08
C LEU B 401 -7.53 -8.71 27.58
N ASP B 402 -7.49 -7.46 28.05
CA ASP B 402 -7.68 -7.16 29.47
C ASP B 402 -9.04 -7.66 29.95
N LYS B 403 -10.04 -7.65 29.06
CA LYS B 403 -11.38 -8.07 29.45
C LYS B 403 -11.50 -9.59 29.49
N LEU B 404 -10.58 -10.29 28.83
CA LEU B 404 -10.59 -11.75 28.77
C LEU B 404 -9.72 -12.38 29.86
N ILE B 405 -8.73 -11.61 30.33
CA ILE B 405 -7.79 -12.03 31.39
C ILE B 405 -7.72 -10.94 32.45
MN MN C . 15.75 13.28 -1.86
MN MN D . 19.36 11.52 -4.67
C1 GOL E . 31.65 14.43 14.00
O1 GOL E . 32.39 14.89 12.91
C2 GOL E . 31.66 12.99 13.77
O2 GOL E . 31.44 12.74 12.42
C3 GOL E . 30.60 12.24 14.46
O3 GOL E . 30.45 11.08 13.69
MN MN F . -16.22 -12.90 3.02
MN MN G . -18.56 -13.39 -1.35
#